data_9JXI
#
_entry.id   9JXI
#
_cell.length_a   1.00
_cell.length_b   1.00
_cell.length_c   1.00
_cell.angle_alpha   90.00
_cell.angle_beta   90.00
_cell.angle_gamma   90.00
#
_symmetry.space_group_name_H-M   'P 1'
#
loop_
_entity.id
_entity.type
_entity.pdbx_description
1 polymer 'Solute carrier family 53 member 1'
2 non-polymer '(1R,3S,4R,5S,6R)-2,4,5,6-tetrakis(phosphonooxy)cyclohexane-1,3-diyl bis[trihydrogen (diphosphate)]'
#
_entity_poly.entity_id   1
_entity_poly.type   'polypeptide(L)'
_entity_poly.pdbx_seq_one_letter_code
;KFAEHLSAHITPEWRKQYIQYEAFKDMLYSAQDQAPSVEVTDEDTVKRYFAKFEEKFFQTCEKELAKINTFYSEKLAEAQ
RRFATLQNELQSSLDAQKESTGVTTLRQRRKPVFHLSHEERVQHRNIKDLKLAFSEFYLSLILLQNYQNLNFTGFRKILK
KHDKILETSRGADWRVAHVEVAPFYTCKKINQLISETEAVVTNELEDGDRQKAMKRLRVPPLGAAQPAPAWTTFRVGLFC
GIFIVLNITLVLAAVFKLETDRSIWPLIRIYRGGFLLIEFLFLLGINTYGWRQAGVNHVLIFELNPRSNLSHQHLFEIAG
FLGILWCLSLLACFFAPISVIPTYVYPLALYGFMVFFLINPTKTFYYKSRFWLLKLLFRVFTAPFHKVGFADFWLADQLN
SLSVILMDLEYMICFYSLELKWDESKGLLPNNSEESGICHKYTYGVRAIVQCIPAWLRFIQCLRRYRDTKRAFPHLVNAG
KYSTTFFMVTFAALYSTHKERGHSDTMVFFYLWIVFYIISSCYTLIWDLKMDWGLFDKNAGENTFLREEIVYPQKAYYYC
AIIEDVILRFAWTIQISITSTTLLPHSGDIIATVFAPLEVFRRFVWNFFRLENEHLNNCGEFR
;
_entity_poly.pdbx_strand_id   A,B
#
loop_
_chem_comp.id
_chem_comp.type
_chem_comp.name
_chem_comp.formula
I8P non-polymer '(1R,3S,4R,5S,6R)-2,4,5,6-tetrakis(phosphonooxy)cyclohexane-1,3-diyl bis[trihydrogen (diphosphate)]' 'C6 H20 O30 P8'
#
# COMPACT_ATOMS: atom_id res chain seq x y z
N LYS A 1 -3.22 -35.19 -19.01
CA LYS A 1 -2.56 -33.86 -19.02
C LYS A 1 -1.35 -33.93 -18.09
N PHE A 2 -0.96 -35.13 -17.71
CA PHE A 2 0.27 -35.32 -16.95
C PHE A 2 1.48 -35.35 -17.88
N ALA A 3 1.29 -35.78 -19.13
CA ALA A 3 2.41 -35.79 -20.06
C ALA A 3 2.97 -34.40 -20.26
N GLU A 4 2.09 -33.40 -20.39
CA GLU A 4 2.56 -32.03 -20.54
C GLU A 4 3.28 -31.55 -19.29
N HIS A 5 2.70 -31.85 -18.11
CA HIS A 5 3.35 -31.48 -16.86
C HIS A 5 4.74 -32.08 -16.76
N LEU A 6 4.87 -33.36 -17.10
CA LEU A 6 6.16 -34.03 -17.08
C LEU A 6 7.13 -33.34 -18.03
N SER A 7 6.78 -33.26 -19.31
CA SER A 7 7.69 -32.69 -20.29
C SER A 7 8.05 -31.25 -19.98
N ALA A 8 7.20 -30.55 -19.20
CA ALA A 8 7.52 -29.17 -18.86
C ALA A 8 8.43 -29.08 -17.65
N HIS A 9 8.27 -29.98 -16.69
CA HIS A 9 9.06 -29.94 -15.47
C HIS A 9 10.14 -31.01 -15.42
N ILE A 10 10.29 -31.81 -16.48
CA ILE A 10 11.34 -32.81 -16.52
C ILE A 10 12.69 -32.11 -16.50
N THR A 11 13.65 -32.73 -15.83
CA THR A 11 14.98 -32.14 -15.77
C THR A 11 15.64 -32.21 -17.14
N PRO A 12 16.15 -31.10 -17.66
CA PRO A 12 16.81 -31.12 -18.97
C PRO A 12 17.94 -32.16 -19.04
N GLU A 13 18.70 -32.27 -17.96
CA GLU A 13 19.90 -33.09 -17.98
C GLU A 13 19.56 -34.58 -17.97
N TRP A 14 18.62 -35.00 -17.12
CA TRP A 14 18.31 -36.42 -16.96
C TRP A 14 17.09 -36.86 -17.77
N ARG A 15 16.85 -36.21 -18.91
CA ARG A 15 15.64 -36.42 -19.69
C ARG A 15 15.42 -37.88 -20.06
N LYS A 16 16.47 -38.71 -19.94
CA LYS A 16 16.32 -40.12 -20.26
C LYS A 16 15.71 -40.90 -19.09
N GLN A 17 16.25 -40.71 -17.88
CA GLN A 17 15.94 -41.63 -16.79
C GLN A 17 14.48 -41.54 -16.37
N TYR A 18 13.81 -40.42 -16.64
CA TYR A 18 12.39 -40.29 -16.32
C TYR A 18 11.59 -41.35 -17.04
N ILE A 19 10.51 -41.80 -16.40
CA ILE A 19 9.66 -42.81 -17.03
C ILE A 19 9.12 -42.29 -18.34
N GLN A 20 9.23 -43.11 -19.38
CA GLN A 20 8.70 -42.78 -20.70
C GLN A 20 7.17 -42.88 -20.65
N TYR A 21 6.58 -41.91 -19.95
CA TYR A 21 5.13 -41.93 -19.73
C TYR A 21 4.38 -41.88 -21.05
N GLU A 22 4.81 -41.00 -21.96
CA GLU A 22 4.15 -40.91 -23.25
C GLU A 22 4.28 -42.21 -24.01
N ALA A 23 5.45 -42.85 -23.94
CA ALA A 23 5.62 -44.13 -24.61
C ALA A 23 4.72 -45.20 -24.01
N PHE A 24 4.57 -45.18 -22.69
CA PHE A 24 3.68 -46.15 -22.05
C PHE A 24 2.24 -45.92 -22.45
N LYS A 25 1.83 -44.65 -22.56
CA LYS A 25 0.48 -44.36 -23.01
C LYS A 25 0.27 -44.81 -24.45
N ASP A 26 1.27 -44.61 -25.29
CA ASP A 26 1.19 -45.12 -26.66
C ASP A 26 1.06 -46.63 -26.68
N MET A 27 1.82 -47.32 -25.84
CA MET A 27 1.73 -48.78 -25.77
C MET A 27 0.35 -49.22 -25.34
N LEU A 28 -0.20 -48.57 -24.31
CA LEU A 28 -1.53 -48.95 -23.83
C LEU A 28 -2.59 -48.70 -24.88
N TYR A 29 -2.51 -47.56 -25.58
CA TYR A 29 -3.47 -47.27 -26.63
C TYR A 29 -3.40 -48.31 -27.74
N SER A 30 -2.18 -48.61 -28.22
CA SER A 30 -2.02 -49.61 -29.25
C SER A 30 -2.51 -50.98 -28.79
N ALA A 31 -2.41 -51.25 -27.49
CA ALA A 31 -2.91 -52.52 -26.96
C ALA A 31 -4.44 -52.57 -27.00
N GLN A 32 -5.08 -51.49 -26.54
CA GLN A 32 -6.54 -51.49 -26.49
C GLN A 32 -7.17 -51.48 -27.88
N ASP A 33 -6.39 -51.33 -28.94
CA ASP A 33 -6.92 -51.43 -30.30
C ASP A 33 -6.99 -52.89 -30.72
N LYS A 47 -8.29 -63.79 -24.63
CA LYS A 47 -7.55 -63.76 -23.38
C LYS A 47 -6.06 -63.67 -23.62
N ARG A 48 -5.59 -64.39 -24.64
CA ARG A 48 -4.16 -64.45 -24.92
C ARG A 48 -3.60 -63.07 -25.24
N TYR A 49 -4.30 -62.31 -26.09
CA TYR A 49 -3.88 -60.95 -26.43
C TYR A 49 -3.59 -60.12 -25.18
N PHE A 50 -4.61 -59.96 -24.33
CA PHE A 50 -4.46 -59.15 -23.13
C PHE A 50 -3.41 -59.73 -22.20
N ALA A 51 -3.36 -61.04 -22.07
CA ALA A 51 -2.39 -61.66 -21.17
C ALA A 51 -0.97 -61.34 -21.58
N LYS A 52 -0.60 -61.64 -22.84
CA LYS A 52 0.76 -61.40 -23.27
C LYS A 52 1.09 -59.92 -23.30
N PHE A 53 0.10 -59.06 -23.62
CA PHE A 53 0.36 -57.62 -23.52
C PHE A 53 0.70 -57.23 -22.10
N GLU A 54 -0.04 -57.75 -21.12
CA GLU A 54 0.27 -57.46 -19.72
C GLU A 54 1.66 -57.95 -19.36
N GLU A 55 2.02 -59.15 -19.82
CA GLU A 55 3.34 -59.69 -19.52
C GLU A 55 4.44 -58.76 -20.02
N LYS A 56 4.42 -58.44 -21.32
CA LYS A 56 5.46 -57.59 -21.87
C LYS A 56 5.44 -56.19 -21.25
N PHE A 57 4.25 -55.65 -20.99
CA PHE A 57 4.14 -54.32 -20.44
C PHE A 57 4.72 -54.25 -19.03
N PHE A 58 4.39 -55.23 -18.19
CA PHE A 58 4.96 -55.29 -16.86
C PHE A 58 6.46 -55.55 -16.89
N GLN A 59 6.96 -56.28 -17.89
CA GLN A 59 8.41 -56.40 -18.04
C GLN A 59 9.04 -55.03 -18.31
N THR A 60 8.41 -54.25 -19.18
CA THR A 60 8.91 -52.89 -19.44
C THR A 60 8.88 -52.05 -18.18
N CYS A 61 7.78 -52.13 -17.42
CA CYS A 61 7.71 -51.38 -16.16
C CYS A 61 8.80 -51.83 -15.19
N GLU A 62 9.09 -53.13 -15.16
CA GLU A 62 10.11 -53.63 -14.24
C GLU A 62 11.48 -53.08 -14.62
N LYS A 63 11.83 -53.12 -15.90
CA LYS A 63 13.15 -52.60 -16.29
C LYS A 63 13.21 -51.09 -16.11
N GLU A 64 12.09 -50.40 -16.30
CA GLU A 64 12.05 -48.97 -16.00
C GLU A 64 12.35 -48.72 -14.53
N LEU A 65 11.66 -49.43 -13.64
CA LEU A 65 11.88 -49.30 -12.21
C LEU A 65 13.34 -49.58 -11.88
N ALA A 66 13.92 -50.59 -12.52
CA ALA A 66 15.33 -50.92 -12.31
C ALA A 66 16.23 -49.77 -12.69
N LYS A 67 15.95 -49.15 -13.84
CA LYS A 67 16.76 -48.02 -14.28
C LYS A 67 16.66 -46.86 -13.31
N ILE A 68 15.44 -46.56 -12.84
CA ILE A 68 15.26 -45.46 -11.90
C ILE A 68 16.00 -45.76 -10.60
N ASN A 69 15.93 -47.00 -10.13
CA ASN A 69 16.66 -47.39 -8.93
C ASN A 69 18.15 -47.16 -9.10
N THR A 70 18.70 -47.63 -10.23
CA THR A 70 20.13 -47.50 -10.46
C THR A 70 20.55 -46.03 -10.50
N PHE A 71 19.83 -45.22 -11.28
CA PHE A 71 20.21 -43.82 -11.41
C PHE A 71 20.07 -43.07 -10.09
N TYR A 72 19.01 -43.37 -9.33
CA TYR A 72 18.84 -42.72 -8.04
C TYR A 72 19.95 -43.08 -7.08
N SER A 73 20.34 -44.36 -7.05
CA SER A 73 21.44 -44.77 -6.19
C SER A 73 22.72 -44.07 -6.60
N GLU A 74 22.98 -43.99 -7.91
CA GLU A 74 24.19 -43.34 -8.39
C GLU A 74 24.23 -41.88 -7.95
N LYS A 75 23.16 -41.14 -8.19
CA LYS A 75 23.21 -39.73 -7.85
C LYS A 75 23.11 -39.51 -6.35
N LEU A 76 22.56 -40.46 -5.61
CA LEU A 76 22.58 -40.36 -4.16
C LEU A 76 23.99 -40.49 -3.63
N ALA A 77 24.74 -41.49 -4.13
CA ALA A 77 26.14 -41.61 -3.74
C ALA A 77 26.93 -40.38 -4.18
N GLU A 78 26.63 -39.85 -5.36
CA GLU A 78 27.31 -38.65 -5.83
C GLU A 78 27.08 -37.47 -4.90
N ALA A 79 25.82 -37.25 -4.50
CA ALA A 79 25.52 -36.17 -3.58
C ALA A 79 26.12 -36.44 -2.21
N GLN A 80 26.22 -37.71 -1.80
CA GLN A 80 26.88 -38.03 -0.54
C GLN A 80 28.34 -37.58 -0.56
N ARG A 81 29.08 -37.99 -1.60
CA ARG A 81 30.47 -37.57 -1.70
C ARG A 81 30.59 -36.05 -1.82
N ARG A 82 29.65 -35.42 -2.51
CA ARG A 82 29.72 -33.97 -2.68
C ARG A 82 29.52 -33.26 -1.35
N PHE A 83 28.54 -33.70 -0.57
CA PHE A 83 28.37 -33.16 0.77
C PHE A 83 29.61 -33.41 1.62
N ALA A 84 30.27 -34.54 1.42
CA ALA A 84 31.50 -34.83 2.18
C ALA A 84 32.61 -33.84 1.83
N THR A 85 32.88 -33.66 0.54
CA THR A 85 33.91 -32.69 0.15
C THR A 85 33.53 -31.28 0.59
N LEU A 86 32.24 -30.96 0.58
CA LEU A 86 31.80 -29.63 0.96
C LEU A 86 32.03 -29.38 2.44
N GLN A 87 31.67 -30.36 3.28
CA GLN A 87 31.94 -30.22 4.71
C GLN A 87 33.43 -30.17 5.01
N ASN A 88 34.26 -30.91 4.26
CA ASN A 88 35.70 -30.77 4.44
C ASN A 88 36.18 -29.35 4.13
N GLU A 89 35.80 -28.83 2.97
CA GLU A 89 36.29 -27.52 2.57
C GLU A 89 35.79 -26.43 3.52
N LEU A 90 34.59 -26.59 4.06
CA LEU A 90 34.11 -25.66 5.07
C LEU A 90 34.87 -25.81 6.37
N GLN A 91 35.21 -27.04 6.76
CA GLN A 91 36.00 -27.25 7.96
C GLN A 91 37.38 -26.63 7.80
N SER A 92 37.87 -26.53 6.56
CA SER A 92 39.19 -25.95 6.33
C SER A 92 39.31 -24.55 6.93
N SER A 93 38.22 -23.79 6.91
CA SER A 93 38.22 -22.46 7.50
C SER A 93 37.30 -22.42 8.71
N ASN A 126 36.69 -15.43 -0.37
CA ASN A 126 36.44 -16.77 -0.89
C ASN A 126 35.30 -17.44 -0.13
N ILE A 127 34.96 -16.89 1.03
CA ILE A 127 33.92 -17.47 1.86
C ILE A 127 32.58 -17.42 1.15
N LYS A 128 32.28 -16.28 0.51
CA LYS A 128 31.04 -16.17 -0.25
C LYS A 128 31.03 -17.13 -1.43
N ASP A 129 32.21 -17.46 -1.96
CA ASP A 129 32.28 -18.46 -3.01
C ASP A 129 31.86 -19.84 -2.48
N LEU A 130 32.31 -20.17 -1.27
CA LEU A 130 31.88 -21.41 -0.64
C LEU A 130 30.38 -21.38 -0.37
N LYS A 131 29.85 -20.21 -0.01
CA LYS A 131 28.40 -20.07 0.15
C LYS A 131 27.68 -20.38 -1.16
N LEU A 132 28.24 -19.88 -2.24
CA LEU A 132 27.59 -20.08 -3.55
C LEU A 132 27.64 -21.57 -3.89
N ALA A 133 28.76 -22.22 -3.60
CA ALA A 133 28.88 -23.66 -3.84
C ALA A 133 27.85 -24.43 -3.02
N PHE A 134 27.66 -24.03 -1.76
CA PHE A 134 26.65 -24.64 -0.91
C PHE A 134 25.26 -24.50 -1.53
N SER A 135 24.94 -23.29 -1.99
CA SER A 135 23.64 -23.06 -2.61
C SER A 135 23.46 -23.90 -3.85
N GLU A 136 24.52 -24.04 -4.65
CA GLU A 136 24.46 -24.89 -5.82
C GLU A 136 24.18 -26.34 -5.43
N PHE A 137 24.84 -26.83 -4.38
CA PHE A 137 24.62 -28.19 -3.93
C PHE A 137 23.19 -28.38 -3.46
N TYR A 138 22.67 -27.42 -2.72
CA TYR A 138 21.29 -27.52 -2.25
C TYR A 138 20.31 -27.53 -3.41
N LEU A 139 20.55 -26.70 -4.42
CA LEU A 139 19.70 -26.70 -5.60
C LEU A 139 19.76 -28.05 -6.31
N SER A 140 20.95 -28.65 -6.37
CA SER A 140 21.05 -29.99 -6.97
C SER A 140 20.24 -31.01 -6.18
N LEU A 141 20.30 -30.92 -4.85
CA LEU A 141 19.54 -31.84 -4.02
C LEU A 141 18.04 -31.67 -4.25
N ILE A 142 17.58 -30.42 -4.30
CA ILE A 142 16.17 -30.16 -4.54
C ILE A 142 15.76 -30.70 -5.90
N LEU A 143 16.63 -30.53 -6.90
CA LEU A 143 16.32 -31.04 -8.24
C LEU A 143 16.19 -32.55 -8.22
N LEU A 144 17.08 -33.24 -7.50
CA LEU A 144 17.01 -34.70 -7.45
C LEU A 144 15.77 -35.17 -6.70
N GLN A 145 15.40 -34.46 -5.63
CA GLN A 145 14.17 -34.81 -4.92
C GLN A 145 12.96 -34.62 -5.81
N ASN A 146 12.94 -33.54 -6.59
CA ASN A 146 11.86 -33.32 -7.54
C ASN A 146 11.82 -34.46 -8.56
N TYR A 147 12.98 -34.91 -9.01
CA TYR A 147 13.03 -36.05 -9.91
C TYR A 147 12.36 -37.26 -9.28
N GLN A 148 12.70 -37.55 -8.02
CA GLN A 148 12.12 -38.69 -7.34
C GLN A 148 10.60 -38.57 -7.25
N ASN A 149 10.11 -37.41 -6.81
CA ASN A 149 8.68 -37.21 -6.67
C ASN A 149 7.98 -37.34 -8.01
N LEU A 150 8.57 -36.76 -9.07
CA LEU A 150 7.97 -36.86 -10.38
C LEU A 150 7.88 -38.29 -10.86
N ASN A 151 8.92 -39.08 -10.62
CA ASN A 151 8.88 -40.48 -11.06
C ASN A 151 7.84 -41.26 -10.28
N PHE A 152 7.75 -41.02 -8.97
CA PHE A 152 6.73 -41.70 -8.17
C PHE A 152 5.34 -41.38 -8.70
N THR A 153 5.04 -40.09 -8.84
CA THR A 153 3.72 -39.69 -9.32
C THR A 153 3.45 -40.26 -10.72
N GLY A 154 4.46 -40.25 -11.57
CA GLY A 154 4.27 -40.75 -12.93
C GLY A 154 3.99 -42.23 -12.95
N PHE A 155 4.73 -43.01 -12.16
CA PHE A 155 4.48 -44.43 -12.10
C PHE A 155 3.08 -44.71 -11.61
N ARG A 156 2.66 -44.01 -10.55
CA ARG A 156 1.30 -44.23 -10.04
C ARG A 156 0.27 -43.89 -11.11
N LYS A 157 0.45 -42.76 -11.79
CA LYS A 157 -0.55 -42.34 -12.76
C LYS A 157 -0.64 -43.31 -13.93
N ILE A 158 0.51 -43.78 -14.43
CA ILE A 158 0.48 -44.67 -15.59
C ILE A 158 -0.10 -46.02 -15.19
N LEU A 159 0.22 -46.49 -13.98
CA LEU A 159 -0.33 -47.77 -13.56
C LEU A 159 -1.83 -47.66 -13.33
N LYS A 160 -2.29 -46.50 -12.86
CA LYS A 160 -3.72 -46.27 -12.73
C LYS A 160 -4.40 -46.24 -14.09
N LYS A 161 -3.76 -45.61 -15.08
CA LYS A 161 -4.29 -45.63 -16.43
C LYS A 161 -4.41 -47.05 -16.95
N HIS A 162 -3.38 -47.87 -16.72
CA HIS A 162 -3.45 -49.27 -17.12
C HIS A 162 -4.59 -49.99 -16.43
N ASP A 163 -4.72 -49.78 -15.12
CA ASP A 163 -5.79 -50.42 -14.35
C ASP A 163 -7.16 -50.09 -14.94
N LYS A 164 -7.39 -48.80 -15.20
CA LYS A 164 -8.71 -48.40 -15.68
C LYS A 164 -8.95 -48.88 -17.11
N ILE A 165 -7.92 -48.89 -17.95
CA ILE A 165 -8.12 -49.23 -19.36
C ILE A 165 -8.29 -50.73 -19.54
N LEU A 166 -7.47 -51.52 -18.86
CA LEU A 166 -7.45 -52.96 -19.05
C LEU A 166 -8.47 -53.71 -18.21
N GLU A 167 -9.25 -53.00 -17.38
CA GLU A 167 -10.27 -53.61 -16.54
C GLU A 167 -9.67 -54.72 -15.67
N THR A 168 -8.49 -54.46 -15.11
CA THR A 168 -7.80 -55.43 -14.27
C THR A 168 -7.19 -54.74 -13.06
N SER A 169 -7.44 -55.29 -11.87
CA SER A 169 -7.00 -54.70 -10.62
C SER A 169 -5.62 -55.18 -10.18
N ARG A 170 -4.99 -56.09 -10.93
CA ARG A 170 -3.66 -56.55 -10.54
C ARG A 170 -2.61 -55.48 -10.81
N GLY A 171 -2.98 -54.43 -11.53
CA GLY A 171 -2.09 -53.31 -11.77
C GLY A 171 -1.66 -52.62 -10.50
N ALA A 172 -2.64 -52.19 -9.69
CA ALA A 172 -2.31 -51.58 -8.41
C ALA A 172 -1.61 -52.58 -7.49
N ASP A 173 -1.89 -53.87 -7.64
CA ASP A 173 -1.19 -54.87 -6.86
C ASP A 173 0.30 -54.88 -7.18
N TRP A 174 0.63 -54.92 -8.47
CA TRP A 174 2.04 -54.85 -8.87
C TRP A 174 2.64 -53.52 -8.45
N ARG A 175 1.85 -52.46 -8.48
CA ARG A 175 2.31 -51.16 -7.97
C ARG A 175 2.79 -51.28 -6.54
N VAL A 176 1.88 -51.64 -5.64
CA VAL A 176 2.21 -51.69 -4.22
C VAL A 176 3.25 -52.76 -3.92
N ALA A 177 3.37 -53.79 -4.77
CA ALA A 177 4.36 -54.83 -4.52
C ALA A 177 5.76 -54.37 -4.92
N HIS A 178 5.95 -54.05 -6.20
CA HIS A 178 7.27 -53.68 -6.66
C HIS A 178 7.65 -52.27 -6.22
N VAL A 179 6.88 -51.27 -6.63
CA VAL A 179 7.10 -49.91 -6.15
C VAL A 179 6.58 -49.82 -4.71
N GLU A 180 6.96 -48.74 -4.03
CA GLU A 180 6.64 -48.44 -2.64
C GLU A 180 7.29 -49.43 -1.68
N VAL A 181 8.01 -50.43 -2.17
CA VAL A 181 8.68 -51.40 -1.31
C VAL A 181 10.13 -51.42 -1.79
N ALA A 182 10.43 -50.59 -2.78
CA ALA A 182 11.73 -50.55 -3.42
C ALA A 182 12.42 -49.22 -3.13
N PRO A 183 13.74 -49.18 -3.23
CA PRO A 183 14.45 -47.90 -3.14
C PRO A 183 13.95 -46.93 -4.21
N PHE A 184 14.47 -45.71 -4.14
CA PHE A 184 14.14 -44.53 -4.94
C PHE A 184 12.78 -43.98 -4.56
N TYR A 185 11.98 -44.71 -3.79
CA TYR A 185 10.82 -44.12 -3.15
C TYR A 185 10.90 -44.31 -1.65
N THR A 186 11.19 -45.55 -1.24
CA THR A 186 11.23 -45.86 0.18
C THR A 186 12.40 -45.17 0.87
N CYS A 187 13.48 -44.95 0.13
CA CYS A 187 14.63 -44.26 0.69
C CYS A 187 14.28 -42.81 1.00
N LYS A 188 14.88 -42.31 2.08
CA LYS A 188 14.67 -40.92 2.48
C LYS A 188 15.99 -40.20 2.70
N LYS A 189 17.10 -40.73 2.16
CA LYS A 189 18.41 -40.15 2.45
C LYS A 189 18.49 -38.70 1.98
N ILE A 190 17.73 -38.35 0.94
CA ILE A 190 17.74 -36.98 0.45
C ILE A 190 17.15 -36.04 1.49
N ASN A 191 16.14 -36.51 2.22
CA ASN A 191 15.56 -35.69 3.28
C ASN A 191 16.61 -35.31 4.31
N GLN A 192 17.32 -36.30 4.84
CA GLN A 192 18.29 -36.00 5.89
C GLN A 192 19.46 -35.21 5.33
N LEU A 193 19.87 -35.49 4.09
CA LEU A 193 20.92 -34.67 3.49
C LEU A 193 20.50 -33.21 3.43
N ILE A 194 19.26 -32.95 3.01
CA ILE A 194 18.78 -31.58 2.93
C ILE A 194 18.72 -30.96 4.32
N SER A 195 18.32 -31.75 5.31
CA SER A 195 18.25 -31.27 6.69
C SER A 195 19.63 -30.88 7.21
N GLU A 196 20.61 -31.76 7.04
CA GLU A 196 21.96 -31.50 7.51
C GLU A 196 22.57 -30.33 6.76
N THR A 197 22.22 -30.17 5.48
CA THR A 197 22.74 -29.03 4.73
C THR A 197 22.18 -27.72 5.27
N GLU A 198 20.86 -27.66 5.49
CA GLU A 198 20.30 -26.46 6.11
C GLU A 198 20.94 -26.19 7.46
N ALA A 199 21.11 -27.24 8.27
CA ALA A 199 21.70 -27.06 9.59
C ALA A 199 23.11 -26.53 9.50
N VAL A 200 23.91 -27.09 8.60
CA VAL A 200 25.33 -26.73 8.55
C VAL A 200 25.48 -25.33 8.00
N VAL A 201 24.67 -24.95 7.00
CA VAL A 201 24.80 -23.58 6.50
C VAL A 201 24.34 -22.59 7.57
N THR A 202 23.26 -22.91 8.28
CA THR A 202 22.79 -22.01 9.33
C THR A 202 23.80 -21.85 10.45
N ASN A 203 24.45 -22.92 10.89
CA ASN A 203 25.31 -22.82 12.05
C ASN A 203 26.74 -22.41 11.72
N GLU A 204 27.23 -22.68 10.51
CA GLU A 204 28.58 -22.23 10.16
C GLU A 204 28.52 -20.90 9.41
N LEU A 205 27.79 -20.87 8.31
CA LEU A 205 27.81 -19.70 7.44
C LEU A 205 26.89 -18.61 7.96
N GLU A 206 25.69 -18.99 8.40
CA GLU A 206 24.74 -18.01 8.91
C GLU A 206 24.88 -17.85 10.42
N ASP A 207 25.61 -18.76 11.06
CA ASP A 207 25.96 -18.75 12.48
C ASP A 207 24.75 -18.92 13.38
N GLY A 208 23.58 -19.25 12.85
CA GLY A 208 22.42 -19.47 13.68
C GLY A 208 21.18 -18.74 13.20
N ASP A 209 21.28 -18.10 12.03
CA ASP A 209 20.15 -17.36 11.45
C ASP A 209 19.46 -18.28 10.44
N ARG A 210 18.51 -19.07 10.96
CA ARG A 210 17.86 -20.08 10.14
C ARG A 210 17.08 -19.45 8.99
N GLN A 211 16.33 -18.39 9.26
CA GLN A 211 15.48 -17.80 8.23
C GLN A 211 16.32 -17.24 7.09
N LYS A 212 17.45 -16.60 7.39
CA LYS A 212 18.29 -16.06 6.33
C LYS A 212 18.90 -17.18 5.50
N ALA A 213 19.21 -18.31 6.13
CA ALA A 213 19.65 -19.47 5.36
C ALA A 213 18.54 -19.96 4.45
N MET A 214 17.31 -19.95 4.95
CA MET A 214 16.18 -20.35 4.11
C MET A 214 16.02 -19.39 2.93
N LYS A 215 16.41 -18.13 3.11
CA LYS A 215 16.41 -17.19 1.99
C LYS A 215 17.55 -17.50 1.03
N ARG A 216 18.72 -17.88 1.56
CA ARG A 216 19.87 -18.11 0.69
C ARG A 216 19.68 -19.34 -0.17
N LEU A 217 18.80 -20.24 0.24
CA LEU A 217 18.58 -21.51 -0.44
C LEU A 217 17.16 -21.54 -0.98
N ARG A 218 16.97 -22.26 -2.10
CA ARG A 218 15.67 -22.45 -2.75
C ARG A 218 14.87 -21.16 -2.89
N VAL A 219 15.53 -20.02 -3.04
CA VAL A 219 14.81 -18.75 -3.07
C VAL A 219 14.04 -18.63 -4.39
N PRO A 220 12.76 -18.25 -4.38
CA PRO A 220 11.98 -18.02 -5.59
C PRO A 220 12.21 -16.64 -6.19
N ALA A 228 6.26 -1.15 -3.04
CA ALA A 228 6.62 -0.26 -1.93
C ALA A 228 5.65 -0.45 -0.78
N PRO A 229 6.17 -0.51 0.44
CA PRO A 229 5.31 -0.76 1.60
C PRO A 229 4.35 0.41 1.84
N ALA A 230 3.58 0.29 2.92
CA ALA A 230 2.71 1.40 3.29
C ALA A 230 3.50 2.51 3.95
N TRP A 231 4.44 2.16 4.83
CA TRP A 231 5.22 3.20 5.51
C TRP A 231 6.04 4.02 4.54
N THR A 232 6.55 3.42 3.46
CA THR A 232 7.34 4.22 2.53
C THR A 232 6.48 5.21 1.78
N THR A 233 5.26 4.83 1.39
CA THR A 233 4.40 5.83 0.76
C THR A 233 3.99 6.90 1.75
N PHE A 234 3.77 6.52 3.01
CA PHE A 234 3.46 7.55 3.99
C PHE A 234 4.61 8.52 4.15
N ARG A 235 5.84 8.03 4.15
CA ARG A 235 6.97 8.94 4.31
C ARG A 235 7.19 9.76 3.06
N VAL A 236 6.97 9.20 1.88
CA VAL A 236 7.01 10.01 0.67
C VAL A 236 6.05 11.18 0.78
N GLY A 237 4.85 10.90 1.28
CA GLY A 237 3.88 11.97 1.44
C GLY A 237 4.27 12.96 2.52
N LEU A 238 4.77 12.47 3.64
CA LEU A 238 5.21 13.34 4.72
C LEU A 238 6.27 14.31 4.23
N PHE A 239 7.29 13.79 3.55
CA PHE A 239 8.39 14.63 3.11
C PHE A 239 7.94 15.57 1.99
N CYS A 240 7.04 15.13 1.10
CA CYS A 240 6.55 16.04 0.10
C CYS A 240 5.73 17.17 0.72
N GLY A 241 4.99 16.88 1.78
CA GLY A 241 4.21 17.92 2.42
C GLY A 241 5.08 18.94 3.14
N ILE A 242 6.00 18.45 3.97
CA ILE A 242 6.93 19.35 4.63
C ILE A 242 7.68 20.18 3.61
N PHE A 243 8.08 19.56 2.50
CA PHE A 243 8.81 20.28 1.46
C PHE A 243 7.95 21.35 0.80
N ILE A 244 6.68 21.06 0.55
CA ILE A 244 5.81 22.06 -0.05
C ILE A 244 5.68 23.27 0.86
N VAL A 245 5.41 23.03 2.15
CA VAL A 245 5.21 24.17 3.03
C VAL A 245 6.50 24.95 3.21
N LEU A 246 7.64 24.25 3.24
CA LEU A 246 8.89 24.97 3.39
C LEU A 246 9.20 25.79 2.16
N ASN A 247 8.82 25.33 0.97
CA ASN A 247 9.05 26.14 -0.22
C ASN A 247 8.15 27.37 -0.22
N ILE A 248 6.91 27.23 0.24
CA ILE A 248 6.04 28.40 0.31
C ILE A 248 6.58 29.41 1.31
N THR A 249 7.04 28.94 2.46
CA THR A 249 7.69 29.82 3.41
C THR A 249 8.92 30.46 2.82
N LEU A 250 9.65 29.73 1.98
CA LEU A 250 10.85 30.26 1.35
C LEU A 250 10.52 31.42 0.42
N VAL A 251 9.52 31.23 -0.45
CA VAL A 251 9.13 32.29 -1.37
C VAL A 251 8.63 33.50 -0.60
N LEU A 252 7.82 33.27 0.43
CA LEU A 252 7.29 34.38 1.21
C LEU A 252 8.40 35.10 1.97
N ALA A 253 9.44 34.38 2.37
CA ALA A 253 10.54 35.05 3.04
C ALA A 253 11.37 35.84 2.05
N ALA A 254 11.54 35.34 0.84
CA ALA A 254 12.30 36.09 -0.14
C ALA A 254 11.58 37.35 -0.55
N VAL A 255 10.26 37.30 -0.68
CA VAL A 255 9.54 38.50 -1.06
C VAL A 255 9.55 39.52 0.07
N PHE A 256 9.36 39.07 1.29
CA PHE A 256 9.40 39.96 2.46
C PHE A 256 10.64 39.72 3.33
N ILE A 264 23.67 38.52 -2.40
CA ILE A 264 23.08 37.19 -2.39
C ILE A 264 23.78 36.26 -3.35
N TRP A 265 24.41 36.81 -4.38
CA TRP A 265 24.96 35.94 -5.42
C TRP A 265 26.00 34.96 -4.91
N PRO A 266 26.76 35.23 -3.85
CA PRO A 266 27.49 34.14 -3.19
C PRO A 266 26.61 33.19 -2.41
N LEU A 267 25.29 33.32 -2.49
CA LEU A 267 24.39 32.41 -1.82
C LEU A 267 23.36 31.82 -2.77
N ILE A 268 23.26 32.32 -3.98
CA ILE A 268 22.57 31.61 -5.05
C ILE A 268 23.53 30.65 -5.74
N ARG A 269 24.80 30.67 -5.37
CA ARG A 269 25.75 29.80 -6.01
C ARG A 269 26.10 28.65 -5.07
N ILE A 270 25.71 28.78 -3.81
CA ILE A 270 25.99 27.72 -2.86
C ILE A 270 24.76 26.86 -2.64
N TYR A 271 23.60 27.35 -3.04
CA TYR A 271 22.39 26.56 -2.95
C TYR A 271 21.89 26.10 -4.31
N ARG A 272 22.52 26.54 -5.39
CA ARG A 272 22.21 25.97 -6.69
C ARG A 272 22.67 24.52 -6.76
N GLY A 273 23.77 24.19 -6.10
CA GLY A 273 24.19 22.80 -6.06
C GLY A 273 23.13 21.91 -5.45
N GLY A 274 22.70 22.24 -4.24
CA GLY A 274 21.67 21.45 -3.62
C GLY A 274 20.40 21.41 -4.44
N PHE A 275 20.04 22.53 -5.07
CA PHE A 275 18.80 22.54 -5.82
C PHE A 275 18.86 21.61 -7.01
N LEU A 276 19.95 21.66 -7.76
CA LEU A 276 20.08 20.77 -8.91
C LEU A 276 20.13 19.32 -8.48
N LEU A 277 20.80 19.02 -7.38
CA LEU A 277 20.85 17.63 -6.95
C LEU A 277 19.49 17.11 -6.55
N ILE A 278 18.73 17.90 -5.80
CA ILE A 278 17.42 17.44 -5.37
C ILE A 278 16.46 17.35 -6.55
N GLU A 279 16.54 18.29 -7.48
CA GLU A 279 15.71 18.19 -8.67
C GLU A 279 16.06 16.95 -9.45
N PHE A 280 17.35 16.64 -9.57
CA PHE A 280 17.75 15.45 -10.30
C PHE A 280 17.23 14.20 -9.63
N LEU A 281 17.23 14.16 -8.30
CA LEU A 281 16.73 12.95 -7.64
C LEU A 281 15.22 12.81 -7.78
N PHE A 282 14.46 13.90 -7.68
CA PHE A 282 13.03 13.81 -7.94
C PHE A 282 12.77 13.31 -9.35
N LEU A 283 13.42 13.93 -10.33
CA LEU A 283 13.17 13.54 -11.71
C LEU A 283 13.67 12.13 -12.00
N LEU A 284 14.68 11.66 -11.29
CA LEU A 284 15.11 10.28 -11.48
C LEU A 284 14.14 9.30 -10.84
N GLY A 285 13.46 9.70 -9.77
CA GLY A 285 12.37 8.86 -9.28
C GLY A 285 11.26 8.76 -10.29
N ILE A 286 10.91 9.88 -10.92
CA ILE A 286 9.91 9.84 -11.98
C ILE A 286 10.38 8.95 -13.12
N ASN A 287 11.69 8.96 -13.40
CA ASN A 287 12.22 8.08 -14.43
C ASN A 287 12.06 6.62 -14.05
N THR A 288 12.44 6.25 -12.82
CA THR A 288 12.28 4.88 -12.39
C THR A 288 10.84 4.43 -12.52
N TYR A 289 9.89 5.28 -12.16
CA TYR A 289 8.49 4.93 -12.34
C TYR A 289 8.16 4.73 -13.80
N GLY A 290 8.46 5.70 -14.65
CA GLY A 290 8.07 5.61 -16.04
C GLY A 290 8.82 4.54 -16.81
N TRP A 291 9.87 3.98 -16.23
CA TRP A 291 10.49 2.79 -16.79
C TRP A 291 9.74 1.56 -16.35
N ARG A 292 9.63 1.35 -15.04
CA ARG A 292 8.96 0.16 -14.52
C ARG A 292 7.52 0.04 -14.99
N GLN A 293 6.89 1.13 -15.41
CA GLN A 293 5.51 1.08 -15.87
C GLN A 293 5.38 0.94 -17.37
N ALA A 294 6.46 1.08 -18.13
CA ALA A 294 6.45 0.76 -19.54
C ALA A 294 7.23 -0.51 -19.82
N GLY A 295 7.47 -1.32 -18.79
CA GLY A 295 8.13 -2.59 -18.95
C GLY A 295 9.61 -2.52 -19.24
N VAL A 296 10.17 -1.33 -19.43
CA VAL A 296 11.59 -1.21 -19.76
C VAL A 296 12.39 -1.76 -18.58
N ASN A 297 13.02 -2.91 -18.77
CA ASN A 297 13.71 -3.60 -17.68
C ASN A 297 15.00 -2.85 -17.38
N HIS A 298 14.90 -1.84 -16.53
CA HIS A 298 16.11 -1.15 -16.10
C HIS A 298 16.88 -1.96 -15.07
N VAL A 299 16.21 -2.86 -14.34
CA VAL A 299 16.91 -3.67 -13.36
C VAL A 299 17.95 -4.54 -14.02
N LEU A 300 17.67 -5.01 -15.23
CA LEU A 300 18.63 -5.83 -15.95
C LEU A 300 19.74 -4.98 -16.53
N ILE A 301 19.40 -3.86 -17.15
CA ILE A 301 20.42 -3.06 -17.83
C ILE A 301 21.40 -2.48 -16.83
N PHE A 302 20.92 -2.03 -15.68
CA PHE A 302 21.84 -1.48 -14.68
C PHE A 302 22.63 -2.54 -13.96
N GLU A 303 22.19 -3.80 -14.01
CA GLU A 303 22.79 -4.91 -13.26
C GLU A 303 22.53 -4.75 -11.77
N LEU A 304 21.31 -4.41 -11.40
CA LEU A 304 20.93 -4.35 -10.00
C LEU A 304 20.35 -5.68 -9.55
N ASN A 305 20.45 -5.95 -8.26
CA ASN A 305 19.91 -7.16 -7.68
C ASN A 305 18.42 -7.25 -7.92
N PRO A 306 17.93 -8.15 -8.77
CA PRO A 306 16.51 -8.12 -9.14
C PRO A 306 15.57 -8.43 -8.00
N ARG A 307 16.07 -8.98 -6.90
CA ARG A 307 15.21 -9.27 -5.76
C ARG A 307 14.86 -8.00 -5.01
N SER A 308 15.86 -7.17 -4.72
CA SER A 308 15.67 -5.94 -3.95
C SER A 308 16.35 -4.80 -4.70
N ASN A 309 15.55 -3.90 -5.29
CA ASN A 309 16.07 -2.69 -5.87
C ASN A 309 15.13 -1.54 -5.51
N LEU A 310 15.62 -0.32 -5.72
CA LEU A 310 14.85 0.86 -5.35
C LEU A 310 13.71 1.07 -6.33
N SER A 311 12.52 1.32 -5.81
CA SER A 311 11.38 1.68 -6.63
C SER A 311 11.42 3.18 -6.88
N HIS A 312 10.33 3.74 -7.39
CA HIS A 312 10.31 5.19 -7.52
C HIS A 312 9.99 5.86 -6.20
N GLN A 313 9.28 5.18 -5.31
CA GLN A 313 8.94 5.82 -4.05
C GLN A 313 10.15 5.98 -3.16
N HIS A 314 11.16 5.12 -3.28
CA HIS A 314 12.35 5.31 -2.47
C HIS A 314 13.19 6.47 -2.98
N LEU A 315 13.20 6.70 -4.30
CA LEU A 315 13.87 7.89 -4.80
C LEU A 315 13.10 9.15 -4.44
N PHE A 316 11.78 9.11 -4.50
CA PHE A 316 10.99 10.25 -4.06
C PHE A 316 11.24 10.55 -2.59
N GLU A 317 11.45 9.53 -1.78
CA GLU A 317 11.67 9.77 -0.36
C GLU A 317 13.08 10.30 -0.09
N ILE A 318 14.10 9.76 -0.75
CA ILE A 318 15.43 10.33 -0.60
C ILE A 318 15.46 11.78 -1.03
N ALA A 319 14.86 12.07 -2.18
CA ALA A 319 14.86 13.45 -2.68
C ALA A 319 14.05 14.36 -1.77
N GLY A 320 12.93 13.88 -1.24
CA GLY A 320 12.17 14.71 -0.33
C GLY A 320 12.92 15.03 0.93
N PHE A 321 13.66 14.06 1.47
CA PHE A 321 14.42 14.32 2.68
C PHE A 321 15.54 15.31 2.43
N LEU A 322 16.30 15.12 1.34
CA LEU A 322 17.35 16.07 1.03
C LEU A 322 16.77 17.45 0.76
N GLY A 323 15.55 17.50 0.20
CA GLY A 323 14.92 18.79 -0.01
C GLY A 323 14.48 19.46 1.26
N ILE A 324 14.06 18.67 2.24
CA ILE A 324 13.74 19.24 3.54
C ILE A 324 14.99 19.84 4.16
N LEU A 325 16.12 19.15 4.06
CA LEU A 325 17.36 19.71 4.58
C LEU A 325 17.74 21.00 3.85
N TRP A 326 17.60 21.00 2.53
CA TRP A 326 17.93 22.20 1.77
C TRP A 326 17.05 23.37 2.18
N CYS A 327 15.74 23.15 2.29
CA CYS A 327 14.85 24.24 2.64
C CYS A 327 15.08 24.72 4.05
N LEU A 328 15.39 23.83 4.97
CA LEU A 328 15.66 24.27 6.34
C LEU A 328 16.94 25.09 6.40
N SER A 329 17.99 24.68 5.70
CA SER A 329 19.19 25.49 5.69
C SER A 329 18.95 26.84 5.06
N LEU A 330 18.26 26.88 3.93
CA LEU A 330 18.00 28.17 3.30
C LEU A 330 17.19 29.08 4.21
N LEU A 331 16.18 28.53 4.88
CA LEU A 331 15.42 29.33 5.83
C LEU A 331 16.32 29.86 6.93
N ALA A 332 17.14 29.01 7.51
CA ALA A 332 18.05 29.49 8.54
C ALA A 332 18.94 30.61 8.01
N CYS A 333 19.25 30.59 6.73
CA CYS A 333 19.99 31.72 6.15
C CYS A 333 19.12 32.98 6.08
N PHE A 334 17.82 32.82 5.86
CA PHE A 334 16.95 34.02 5.84
C PHE A 334 16.57 34.47 7.25
N PHE A 335 15.76 33.68 7.94
CA PHE A 335 15.28 34.00 9.28
C PHE A 335 16.37 33.61 10.27
N ALA A 336 17.46 34.35 10.25
CA ALA A 336 18.64 33.91 10.99
C ALA A 336 18.29 33.54 12.42
N PRO A 337 18.27 32.25 12.74
CA PRO A 337 18.04 31.83 14.11
C PRO A 337 19.26 32.13 14.94
N ILE A 338 19.34 31.48 16.09
CA ILE A 338 20.24 31.84 17.17
C ILE A 338 21.56 32.36 16.65
N SER A 339 21.93 33.56 17.05
CA SER A 339 22.97 34.33 16.40
C SER A 339 24.35 34.06 16.99
N VAL A 340 24.48 33.02 17.79
CA VAL A 340 25.82 32.58 18.18
C VAL A 340 26.55 32.02 16.98
N ILE A 341 25.83 31.37 16.07
CA ILE A 341 26.41 30.73 14.89
C ILE A 341 26.11 31.61 13.67
N PRO A 342 27.09 31.96 12.88
CA PRO A 342 26.87 32.93 11.79
C PRO A 342 26.01 32.33 10.70
N THR A 343 25.84 33.11 9.63
CA THR A 343 25.08 32.63 8.49
C THR A 343 25.87 31.59 7.70
N TYR A 344 27.16 31.80 7.51
CA TYR A 344 27.93 30.94 6.64
C TYR A 344 28.08 29.52 7.16
N VAL A 345 27.41 29.15 8.24
CA VAL A 345 27.57 27.83 8.82
C VAL A 345 26.45 26.91 8.34
N TYR A 346 25.40 27.48 7.77
CA TYR A 346 24.33 26.60 7.32
C TYR A 346 24.65 25.91 6.00
N PRO A 347 25.24 26.59 5.00
CA PRO A 347 25.72 25.83 3.85
C PRO A 347 26.69 24.72 4.22
N LEU A 348 27.65 25.00 5.10
CA LEU A 348 28.55 23.94 5.54
C LEU A 348 27.80 22.83 6.23
N ALA A 349 26.83 23.17 7.08
CA ALA A 349 26.07 22.13 7.76
C ALA A 349 25.25 21.33 6.77
N LEU A 350 24.63 21.99 5.79
CA LEU A 350 23.83 21.29 4.81
C LEU A 350 24.66 20.30 4.02
N TYR A 351 25.79 20.74 3.46
CA TYR A 351 26.55 19.84 2.61
C TYR A 351 27.34 18.84 3.42
N GLY A 352 27.75 19.17 4.64
CA GLY A 352 28.29 18.16 5.52
C GLY A 352 27.29 17.08 5.83
N PHE A 353 26.03 17.46 6.03
CA PHE A 353 25.01 16.45 6.28
C PHE A 353 24.75 15.62 5.04
N MET A 354 24.70 16.23 3.87
CA MET A 354 24.48 15.44 2.66
C MET A 354 25.61 14.44 2.44
N VAL A 355 26.86 14.90 2.55
CA VAL A 355 27.98 14.00 2.35
C VAL A 355 28.02 12.93 3.42
N PHE A 356 27.66 13.26 4.66
CA PHE A 356 27.64 12.23 5.68
C PHE A 356 26.52 11.24 5.44
N PHE A 357 25.41 11.68 4.86
CA PHE A 357 24.36 10.74 4.50
C PHE A 357 24.83 9.81 3.40
N LEU A 358 25.68 10.30 2.50
CA LEU A 358 26.18 9.42 1.45
C LEU A 358 27.18 8.41 1.99
N ILE A 359 28.17 8.85 2.76
CA ILE A 359 29.27 7.97 3.14
C ILE A 359 29.07 7.44 4.54
N ASN A 360 27.82 7.38 4.99
CA ASN A 360 27.47 6.83 6.29
C ASN A 360 28.00 5.42 6.42
N PRO A 361 28.89 5.15 7.39
CA PRO A 361 29.49 3.82 7.47
C PRO A 361 28.55 2.77 8.04
N THR A 362 27.67 3.12 8.97
CA THR A 362 26.78 2.13 9.56
C THR A 362 25.72 1.70 8.56
N LYS A 363 25.35 0.43 8.61
CA LYS A 363 24.41 -0.13 7.65
C LYS A 363 22.99 0.33 7.92
N THR A 364 22.71 1.61 7.73
CA THR A 364 21.37 2.15 7.85
C THR A 364 21.10 3.13 6.72
N PHE A 365 19.82 3.42 6.49
CA PHE A 365 19.39 4.44 5.56
C PHE A 365 19.90 4.16 4.14
N TYR A 366 19.35 3.08 3.58
CA TYR A 366 19.63 2.66 2.21
C TYR A 366 21.08 2.23 2.04
N TYR A 367 21.59 1.46 3.00
CA TYR A 367 23.01 1.14 3.00
C TYR A 367 23.44 0.49 1.70
N LYS A 368 22.70 -0.51 1.23
CA LYS A 368 23.08 -1.18 0.01
C LYS A 368 23.05 -0.22 -1.17
N SER A 369 22.04 0.66 -1.21
CA SER A 369 21.95 1.61 -2.32
C SER A 369 23.08 2.61 -2.28
N ARG A 370 23.34 3.19 -1.11
CA ARG A 370 24.39 4.19 -1.02
C ARG A 370 25.74 3.60 -1.35
N PHE A 371 26.00 2.36 -0.93
CA PHE A 371 27.32 1.83 -1.24
C PHE A 371 27.42 1.34 -2.67
N TRP A 372 26.33 0.90 -3.28
CA TRP A 372 26.37 0.70 -4.73
C TRP A 372 26.74 2.00 -5.42
N LEU A 373 26.12 3.09 -4.99
CA LEU A 373 26.40 4.38 -5.63
C LEU A 373 27.84 4.80 -5.41
N LEU A 374 28.40 4.51 -4.23
CA LEU A 374 29.78 4.90 -3.96
C LEU A 374 30.75 4.08 -4.80
N LYS A 375 30.52 2.77 -4.94
CA LYS A 375 31.37 2.01 -5.85
C LYS A 375 31.22 2.51 -7.28
N LEU A 376 30.01 2.87 -7.68
CA LEU A 376 29.80 3.39 -9.03
C LEU A 376 30.57 4.69 -9.24
N LEU A 377 30.59 5.56 -8.23
CA LEU A 377 31.29 6.83 -8.38
C LEU A 377 32.79 6.62 -8.39
N PHE A 378 33.28 5.69 -7.57
CA PHE A 378 34.70 5.39 -7.62
C PHE A 378 35.10 4.86 -8.99
N ARG A 379 34.25 4.03 -9.58
CA ARG A 379 34.56 3.49 -10.88
C ARG A 379 34.40 4.51 -11.98
N VAL A 380 33.59 5.54 -11.76
CA VAL A 380 33.46 6.58 -12.76
C VAL A 380 34.67 7.51 -12.72
N PHE A 381 35.03 8.00 -11.54
CA PHE A 381 36.00 9.09 -11.49
C PHE A 381 37.42 8.64 -11.79
N THR A 382 37.76 7.39 -11.48
CA THR A 382 39.01 6.80 -11.94
C THR A 382 38.73 6.01 -13.21
N ALA A 383 38.50 6.76 -14.28
CA ALA A 383 37.76 6.21 -15.41
C ALA A 383 38.55 5.22 -16.25
N PRO A 384 39.71 5.55 -16.83
CA PRO A 384 40.25 4.70 -17.89
C PRO A 384 40.65 3.32 -17.44
N PHE A 385 40.50 3.01 -16.15
CA PHE A 385 40.96 1.75 -15.60
C PHE A 385 39.89 0.68 -15.56
N HIS A 386 38.75 0.97 -14.94
CA HIS A 386 37.71 -0.04 -14.83
C HIS A 386 37.00 -0.25 -16.15
N LYS A 387 36.53 -1.47 -16.38
CA LYS A 387 35.79 -1.77 -17.60
C LYS A 387 34.43 -1.12 -17.55
N VAL A 388 34.01 -0.56 -18.69
CA VAL A 388 32.87 0.33 -18.76
C VAL A 388 31.61 -0.52 -18.77
N GLY A 389 30.94 -0.60 -17.62
CA GLY A 389 29.66 -1.26 -17.53
C GLY A 389 28.60 -0.46 -18.27
N PHE A 390 27.37 -0.55 -17.81
CA PHE A 390 26.39 0.43 -18.24
C PHE A 390 26.11 1.47 -17.19
N ALA A 391 26.06 1.11 -15.91
CA ALA A 391 25.93 2.13 -14.88
C ALA A 391 27.09 3.12 -14.95
N ASP A 392 28.27 2.64 -15.34
CA ASP A 392 29.41 3.54 -15.46
C ASP A 392 29.31 4.44 -16.67
N PHE A 393 28.58 4.02 -17.69
CA PHE A 393 28.32 4.92 -18.81
C PHE A 393 27.18 5.85 -18.54
N TRP A 394 26.15 5.40 -17.84
CA TRP A 394 25.03 6.23 -17.51
C TRP A 394 25.43 7.33 -16.54
N LEU A 395 26.00 6.98 -15.39
CA LEU A 395 26.40 8.00 -14.43
C LEU A 395 27.33 9.01 -15.07
N ALA A 396 28.43 8.54 -15.64
CA ALA A 396 29.41 9.48 -16.19
C ALA A 396 28.82 10.30 -17.31
N ASP A 397 27.66 9.93 -17.81
CA ASP A 397 26.97 10.76 -18.79
C ASP A 397 25.87 11.58 -18.17
N GLN A 398 25.76 11.58 -16.85
CA GLN A 398 24.84 12.45 -16.15
C GLN A 398 25.54 13.39 -15.21
N LEU A 399 26.87 13.37 -15.19
CA LEU A 399 27.65 14.49 -14.72
C LEU A 399 27.90 15.47 -15.83
N ASN A 400 27.54 15.12 -17.05
CA ASN A 400 27.54 16.09 -18.14
C ASN A 400 26.41 17.09 -18.04
N SER A 401 25.41 16.82 -17.21
CA SER A 401 24.34 17.78 -16.98
C SER A 401 24.36 18.36 -15.58
N LEU A 402 24.86 17.64 -14.60
CA LEU A 402 25.11 18.21 -13.29
C LEU A 402 26.48 18.83 -13.20
N SER A 403 27.01 19.39 -14.28
CA SER A 403 28.30 20.06 -14.20
C SER A 403 28.22 21.30 -13.34
N VAL A 404 27.01 21.84 -13.16
CA VAL A 404 26.88 23.01 -12.30
C VAL A 404 27.06 22.64 -10.85
N ILE A 405 26.75 21.40 -10.46
CA ILE A 405 27.03 21.01 -9.09
C ILE A 405 28.53 20.99 -8.83
N LEU A 406 29.32 20.56 -9.81
CA LEU A 406 30.77 20.61 -9.63
C LEU A 406 31.28 22.04 -9.66
N MET A 407 30.78 22.86 -10.58
CA MET A 407 31.19 24.26 -10.59
C MET A 407 30.88 24.93 -9.27
N ASP A 408 29.75 24.61 -8.67
CA ASP A 408 29.35 25.25 -7.44
C ASP A 408 30.10 24.70 -6.24
N LEU A 409 30.44 23.41 -6.25
CA LEU A 409 31.31 22.91 -5.20
C LEU A 409 32.67 23.58 -5.26
N GLU A 410 33.22 23.75 -6.46
CA GLU A 410 34.49 24.42 -6.59
C GLU A 410 34.40 25.87 -6.15
N TYR A 411 33.32 26.54 -6.54
CA TYR A 411 33.14 27.94 -6.15
C TYR A 411 32.95 28.06 -4.64
N MET A 412 32.28 27.09 -4.03
CA MET A 412 32.11 27.13 -2.59
C MET A 412 33.44 26.96 -1.89
N ILE A 413 34.27 26.04 -2.37
CA ILE A 413 35.61 25.89 -1.80
C ILE A 413 36.40 27.18 -1.96
N CYS A 414 36.42 27.73 -3.17
CA CYS A 414 37.10 28.99 -3.41
C CYS A 414 36.63 30.06 -2.43
N PHE A 415 35.33 30.36 -2.46
CA PHE A 415 34.73 31.38 -1.61
C PHE A 415 35.09 31.18 -0.14
N TYR A 416 34.81 30.00 0.41
CA TYR A 416 35.04 29.79 1.82
C TYR A 416 36.52 29.87 2.16
N SER A 417 37.39 29.74 1.17
CA SER A 417 38.81 29.83 1.48
C SER A 417 39.33 31.26 1.35
N LEU A 418 38.87 31.99 0.34
CA LEU A 418 39.53 33.22 -0.07
C LEU A 418 38.66 34.47 -0.03
N GLU A 419 37.34 34.35 -0.11
CA GLU A 419 36.46 35.50 -0.22
C GLU A 419 35.61 35.70 1.02
N LEU A 420 35.74 34.86 2.02
CA LEU A 420 34.92 34.98 3.22
C LEU A 420 35.66 35.71 4.33
N ILE A 438 37.36 37.20 -8.54
CA ILE A 438 38.02 36.66 -7.36
C ILE A 438 37.84 35.16 -7.34
N CYS A 439 36.59 34.72 -7.19
CA CYS A 439 36.24 33.31 -7.16
C CYS A 439 35.34 32.89 -8.31
N HIS A 440 34.46 33.77 -8.78
CA HIS A 440 33.56 33.44 -9.88
C HIS A 440 34.21 33.61 -11.24
N LYS A 441 35.20 34.49 -11.37
CA LYS A 441 35.97 34.59 -12.60
C LYS A 441 36.87 33.37 -12.75
N TYR A 442 37.62 33.30 -13.85
CA TYR A 442 38.49 32.14 -13.99
C TYR A 442 39.59 32.20 -12.94
N THR A 443 39.48 31.36 -11.92
CA THR A 443 40.47 31.30 -10.86
C THR A 443 41.77 30.69 -11.39
N TYR A 444 42.40 31.44 -12.30
CA TYR A 444 43.58 31.04 -13.05
C TYR A 444 43.27 29.84 -13.95
N GLY A 445 41.99 29.59 -14.23
CA GLY A 445 41.61 28.46 -15.07
C GLY A 445 41.15 27.23 -14.32
N VAL A 446 41.05 27.30 -13.00
CA VAL A 446 40.59 26.16 -12.23
C VAL A 446 39.08 26.06 -12.37
N ARG A 447 38.47 27.13 -12.86
CA ARG A 447 37.05 27.12 -13.11
C ARG A 447 36.68 26.72 -14.53
N ALA A 448 37.66 26.61 -15.42
CA ALA A 448 37.38 26.10 -16.76
C ALA A 448 37.75 24.63 -16.86
N ILE A 449 38.55 24.12 -15.94
CA ILE A 449 38.87 22.70 -15.92
C ILE A 449 37.75 21.92 -15.24
N VAL A 450 37.31 22.37 -14.06
CA VAL A 450 36.27 21.67 -13.33
C VAL A 450 34.97 21.67 -14.13
N GLN A 451 34.89 22.44 -15.19
CA GLN A 451 33.77 22.29 -16.09
C GLN A 451 33.95 21.16 -17.09
N CYS A 452 35.18 20.92 -17.52
CA CYS A 452 35.44 19.85 -18.48
C CYS A 452 35.72 18.52 -17.82
N ILE A 453 35.78 18.45 -16.50
CA ILE A 453 35.92 17.15 -15.84
C ILE A 453 34.85 16.17 -16.28
N PRO A 454 33.56 16.47 -16.25
CA PRO A 454 32.56 15.46 -16.65
C PRO A 454 32.46 15.26 -18.14
N ALA A 455 33.21 15.98 -18.95
CA ALA A 455 33.38 15.58 -20.34
C ALA A 455 34.67 14.80 -20.50
N TRP A 456 35.66 15.05 -19.65
CA TRP A 456 36.85 14.23 -19.67
C TRP A 456 36.54 12.80 -19.29
N LEU A 457 35.71 12.61 -18.28
CA LEU A 457 35.33 11.26 -17.88
C LEU A 457 34.80 10.48 -19.07
N ARG A 458 33.85 11.05 -19.80
CA ARG A 458 33.24 10.31 -20.89
C ARG A 458 34.20 10.19 -22.08
N PHE A 459 35.00 11.21 -22.35
CA PHE A 459 36.00 11.08 -23.39
C PHE A 459 36.87 9.87 -23.14
N ILE A 460 37.40 9.74 -21.93
CA ILE A 460 38.28 8.62 -21.66
C ILE A 460 37.54 7.30 -21.49
N GLN A 461 36.28 7.32 -21.08
CA GLN A 461 35.52 6.08 -21.03
C GLN A 461 35.28 5.54 -22.43
N CYS A 462 34.93 6.41 -23.37
CA CYS A 462 34.80 5.96 -24.74
C CYS A 462 36.14 5.53 -25.31
N LEU A 463 37.24 6.17 -24.93
CA LEU A 463 38.53 5.70 -25.39
C LEU A 463 38.83 4.30 -24.88
N ARG A 464 38.51 4.01 -23.61
CA ARG A 464 38.76 2.67 -23.12
C ARG A 464 37.85 1.65 -23.79
N ARG A 465 36.58 2.01 -24.04
CA ARG A 465 35.71 1.08 -24.74
C ARG A 465 36.23 0.79 -26.12
N TYR A 466 36.84 1.78 -26.78
CA TYR A 466 37.45 1.52 -28.07
C TYR A 466 38.69 0.65 -27.93
N ARG A 467 39.45 0.82 -26.84
CA ARG A 467 40.62 -0.02 -26.66
C ARG A 467 40.22 -1.46 -26.41
N ASP A 468 39.07 -1.68 -25.77
CA ASP A 468 38.62 -3.03 -25.48
C ASP A 468 37.97 -3.68 -26.69
N THR A 469 36.86 -3.13 -27.16
CA THR A 469 36.14 -3.77 -28.24
C THR A 469 36.80 -3.56 -29.59
N LYS A 470 37.67 -2.56 -29.70
CA LYS A 470 38.35 -2.24 -30.95
C LYS A 470 37.37 -2.03 -32.08
N ARG A 471 36.21 -1.51 -31.73
CA ARG A 471 35.20 -1.11 -32.71
C ARG A 471 35.36 0.39 -32.90
N ALA A 472 35.80 0.76 -34.10
CA ALA A 472 36.21 2.14 -34.32
C ALA A 472 35.03 3.09 -34.30
N PHE A 473 33.98 2.80 -35.07
CA PHE A 473 32.95 3.78 -35.34
C PHE A 473 32.31 4.31 -34.07
N PRO A 474 31.59 3.49 -33.29
CA PRO A 474 30.77 4.09 -32.22
C PRO A 474 31.61 4.81 -31.21
N HIS A 475 32.69 4.19 -30.74
CA HIS A 475 33.44 4.74 -29.63
C HIS A 475 34.32 5.92 -30.06
N LEU A 476 34.91 5.84 -31.24
CA LEU A 476 35.72 6.98 -31.68
C LEU A 476 34.86 8.18 -31.98
N VAL A 477 33.72 7.99 -32.64
CA VAL A 477 32.87 9.15 -32.90
C VAL A 477 32.25 9.66 -31.61
N ASN A 478 32.02 8.77 -30.64
CA ASN A 478 31.59 9.22 -29.32
C ASN A 478 32.63 10.13 -28.67
N ALA A 479 33.90 9.71 -28.64
CA ALA A 479 34.92 10.57 -28.05
C ALA A 479 35.07 11.87 -28.82
N GLY A 480 34.91 11.83 -30.14
CA GLY A 480 34.88 13.06 -30.90
C GLY A 480 33.71 13.96 -30.57
N LYS A 481 32.62 13.37 -30.07
CA LYS A 481 31.48 14.19 -29.63
C LYS A 481 31.79 14.93 -28.34
N TYR A 482 32.56 14.32 -27.45
CA TYR A 482 32.88 14.95 -26.18
C TYR A 482 34.12 15.82 -26.24
N SER A 483 34.97 15.69 -27.25
CA SER A 483 36.08 16.63 -27.39
C SER A 483 35.61 18.04 -27.72
N THR A 484 34.42 18.18 -28.30
CA THR A 484 33.95 19.50 -28.64
C THR A 484 33.67 20.34 -27.41
N THR A 485 33.32 19.71 -26.29
CA THR A 485 33.19 20.47 -25.06
C THR A 485 34.53 21.08 -24.65
N PHE A 486 35.59 20.29 -24.74
CA PHE A 486 36.92 20.83 -24.47
C PHE A 486 37.20 22.03 -25.36
N PHE A 487 36.99 21.86 -26.67
CA PHE A 487 37.36 22.94 -27.58
C PHE A 487 36.49 24.18 -27.36
N MET A 488 35.19 23.99 -27.14
CA MET A 488 34.31 25.13 -26.94
C MET A 488 34.66 25.88 -25.67
N VAL A 489 34.84 25.18 -24.56
CA VAL A 489 35.19 25.86 -23.31
C VAL A 489 36.52 26.58 -23.47
N THR A 490 37.50 25.93 -24.07
CA THR A 490 38.80 26.56 -24.23
C THR A 490 38.69 27.84 -25.04
N PHE A 491 37.97 27.81 -26.16
CA PHE A 491 37.91 29.01 -26.98
C PHE A 491 37.06 30.09 -26.34
N ALA A 492 36.02 29.72 -25.59
CA ALA A 492 35.29 30.75 -24.86
C ALA A 492 36.19 31.44 -23.85
N ALA A 493 36.92 30.66 -23.05
CA ALA A 493 37.80 31.25 -22.06
C ALA A 493 38.87 32.12 -22.72
N LEU A 494 39.44 31.67 -23.83
CA LEU A 494 40.50 32.44 -24.46
C LEU A 494 39.96 33.72 -25.07
N TYR A 495 38.84 33.65 -25.78
CA TYR A 495 38.26 34.85 -26.34
C TYR A 495 37.89 35.85 -25.24
N SER A 496 37.42 35.36 -24.10
CA SER A 496 37.13 36.24 -22.98
C SER A 496 38.39 36.92 -22.47
N THR A 497 39.39 36.12 -22.10
CA THR A 497 40.61 36.70 -21.53
C THR A 497 41.31 37.58 -22.53
N HIS A 498 40.97 37.46 -23.82
CA HIS A 498 41.58 38.35 -24.80
C HIS A 498 40.78 39.63 -24.96
N LYS A 499 39.45 39.54 -24.91
CA LYS A 499 38.65 40.75 -25.08
C LYS A 499 38.77 41.66 -23.88
N GLU A 500 38.76 41.09 -22.67
CA GLU A 500 38.87 41.95 -21.49
C GLU A 500 40.22 42.64 -21.42
N ARG A 501 41.27 41.98 -21.93
CA ARG A 501 42.57 42.64 -22.04
C ARG A 501 42.77 43.33 -23.38
N GLY A 502 41.73 43.37 -24.21
CA GLY A 502 41.75 44.19 -25.41
C GLY A 502 42.84 43.84 -26.41
N HIS A 503 43.04 42.56 -26.67
CA HIS A 503 43.99 42.18 -27.71
C HIS A 503 43.38 42.35 -29.09
N SER A 504 44.19 42.09 -30.12
CA SER A 504 43.71 42.26 -31.49
C SER A 504 43.02 41.00 -31.99
N ASP A 505 43.52 39.82 -31.60
CA ASP A 505 42.98 38.55 -32.07
C ASP A 505 41.68 38.15 -31.40
N THR A 506 41.05 39.06 -30.66
CA THR A 506 39.82 38.73 -29.96
C THR A 506 38.72 38.33 -30.95
N MET A 507 38.62 39.03 -32.08
CA MET A 507 37.59 38.67 -33.04
C MET A 507 37.86 37.32 -33.68
N VAL A 508 39.14 37.00 -33.88
CA VAL A 508 39.48 35.67 -34.40
C VAL A 508 39.07 34.58 -33.40
N PHE A 509 39.37 34.80 -32.14
CA PHE A 509 38.98 33.82 -31.13
C PHE A 509 37.47 33.71 -31.02
N PHE A 510 36.76 34.83 -31.20
CA PHE A 510 35.31 34.79 -31.17
C PHE A 510 34.76 33.98 -32.33
N TYR A 511 35.35 34.15 -33.51
CA TYR A 511 34.94 33.34 -34.67
C TYR A 511 35.16 31.87 -34.40
N LEU A 512 36.32 31.53 -33.84
CA LEU A 512 36.61 30.13 -33.53
C LEU A 512 35.60 29.58 -32.52
N TRP A 513 35.26 30.38 -31.50
CA TRP A 513 34.29 29.91 -30.52
C TRP A 513 32.93 29.73 -31.16
N ILE A 514 32.54 30.61 -32.08
CA ILE A 514 31.25 30.45 -32.75
C ILE A 514 31.23 29.15 -33.55
N VAL A 515 32.31 28.89 -34.28
CA VAL A 515 32.39 27.67 -35.06
C VAL A 515 32.25 26.45 -34.16
N PHE A 516 33.04 26.40 -33.11
CA PHE A 516 32.99 25.23 -32.24
C PHE A 516 31.71 25.15 -31.43
N TYR A 517 31.04 26.26 -31.18
CA TYR A 517 29.73 26.20 -30.56
C TYR A 517 28.74 25.52 -31.48
N ILE A 518 28.67 25.97 -32.73
CA ILE A 518 27.77 25.32 -33.67
C ILE A 518 28.10 23.84 -33.79
N ILE A 519 29.40 23.52 -33.83
CA ILE A 519 29.82 22.14 -33.98
C ILE A 519 29.38 21.31 -32.80
N SER A 520 29.67 21.74 -31.58
CA SER A 520 29.33 20.91 -30.44
C SER A 520 27.83 20.79 -30.28
N SER A 521 27.09 21.88 -30.50
CA SER A 521 25.64 21.80 -30.36
C SER A 521 25.04 20.82 -31.35
N CYS A 522 25.36 20.98 -32.64
CA CYS A 522 24.81 20.08 -33.66
C CYS A 522 25.30 18.66 -33.48
N TYR A 523 26.58 18.48 -33.16
CA TYR A 523 27.14 17.16 -32.90
C TYR A 523 26.35 16.44 -31.83
N THR A 524 26.20 17.06 -30.67
CA THR A 524 25.53 16.38 -29.57
C THR A 524 24.05 16.20 -29.86
N LEU A 525 23.42 17.14 -30.56
CA LEU A 525 22.01 16.98 -30.87
C LEU A 525 21.77 15.82 -31.82
N ILE A 526 22.53 15.79 -32.92
CA ILE A 526 22.44 14.71 -33.89
C ILE A 526 22.70 13.38 -33.21
N TRP A 527 23.74 13.30 -32.39
CA TRP A 527 24.05 12.04 -31.72
C TRP A 527 22.93 11.63 -30.79
N ASP A 528 22.44 12.56 -29.98
CA ASP A 528 21.28 12.28 -29.14
C ASP A 528 20.19 11.61 -29.96
N LEU A 529 19.66 12.35 -30.94
CA LEU A 529 18.49 11.91 -31.67
C LEU A 529 18.73 10.59 -32.40
N LYS A 530 19.88 10.41 -33.02
CA LYS A 530 20.11 9.21 -33.81
C LYS A 530 20.58 8.04 -32.96
N MET A 531 21.73 8.15 -32.32
CA MET A 531 22.31 7.00 -31.66
C MET A 531 21.87 6.85 -30.21
N ASP A 532 21.56 7.92 -29.52
CA ASP A 532 21.22 7.78 -28.11
C ASP A 532 19.75 7.40 -27.97
N TRP A 533 18.93 7.94 -28.84
CA TRP A 533 17.49 7.74 -28.79
C TRP A 533 17.01 6.72 -29.81
N GLY A 534 17.80 6.45 -30.84
CA GLY A 534 17.38 5.54 -31.87
C GLY A 534 16.35 6.08 -32.82
N LEU A 535 15.85 7.29 -32.58
CA LEU A 535 14.82 7.84 -33.45
C LEU A 535 15.41 8.16 -34.81
N PHE A 536 14.58 8.77 -35.65
CA PHE A 536 14.93 9.03 -37.04
C PHE A 536 15.40 7.76 -37.73
N ASP A 537 14.85 6.62 -37.29
CA ASP A 537 15.19 5.35 -37.90
C ASP A 537 14.55 5.29 -39.28
N LYS A 538 15.07 4.38 -40.12
CA LYS A 538 14.61 4.38 -41.49
C LYS A 538 13.65 3.21 -41.75
N ASN A 539 13.49 2.31 -40.77
CA ASN A 539 12.34 1.41 -40.74
C ASN A 539 11.18 2.02 -39.95
N ALA A 540 11.03 3.34 -40.02
CA ALA A 540 9.97 4.02 -39.30
C ALA A 540 8.60 3.51 -39.70
N GLY A 541 8.23 3.72 -40.96
CA GLY A 541 6.91 3.33 -41.42
C GLY A 541 5.80 4.19 -40.86
N GLU A 542 4.92 3.61 -40.05
CA GLU A 542 3.80 4.36 -39.50
C GLU A 542 4.25 5.37 -38.46
N ASN A 543 5.16 4.96 -37.57
CA ASN A 543 5.73 5.88 -36.59
C ASN A 543 6.66 6.83 -37.29
N THR A 544 6.13 7.91 -37.86
CA THR A 544 6.95 8.80 -38.66
C THR A 544 8.08 9.39 -37.83
N PHE A 545 9.27 9.43 -38.42
CA PHE A 545 10.46 10.03 -37.83
C PHE A 545 10.92 9.33 -36.57
N LEU A 546 10.39 8.15 -36.27
CA LEU A 546 10.81 7.42 -35.08
C LEU A 546 11.33 6.05 -35.52
N ARG A 547 11.46 5.14 -34.57
CA ARG A 547 11.81 3.78 -34.88
C ARG A 547 10.53 2.95 -34.97
N GLU A 548 10.69 1.63 -35.12
CA GLU A 548 9.52 0.77 -35.23
C GLU A 548 8.89 0.53 -33.86
N GLU A 549 9.63 -0.10 -32.96
CA GLU A 549 9.09 -0.41 -31.65
C GLU A 549 9.14 0.83 -30.77
N ILE A 550 7.98 1.32 -30.37
CA ILE A 550 7.89 2.37 -29.37
C ILE A 550 7.24 1.78 -28.14
N VAL A 551 7.67 2.22 -26.97
CA VAL A 551 7.25 1.62 -25.71
C VAL A 551 6.36 2.56 -24.91
N TYR A 552 6.48 3.83 -25.23
CA TYR A 552 5.74 4.85 -24.46
C TYR A 552 4.38 4.98 -25.11
N PRO A 553 3.33 5.11 -24.31
CA PRO A 553 2.04 5.07 -24.91
C PRO A 553 1.66 6.11 -25.96
N GLN A 554 1.95 7.38 -25.78
CA GLN A 554 1.39 8.32 -26.77
C GLN A 554 2.48 8.89 -27.66
N LYS A 555 2.26 8.82 -28.94
CA LYS A 555 3.33 9.19 -29.86
C LYS A 555 3.67 10.67 -29.78
N ALA A 556 2.86 11.46 -29.08
CA ALA A 556 3.22 12.87 -28.93
C ALA A 556 4.48 13.05 -28.10
N TYR A 557 4.77 12.10 -27.21
CA TYR A 557 5.93 12.21 -26.34
C TYR A 557 7.20 12.34 -27.14
N TYR A 558 7.35 11.53 -28.18
CA TYR A 558 8.60 11.50 -28.92
C TYR A 558 8.81 12.78 -29.71
N TYR A 559 7.72 13.37 -30.24
CA TYR A 559 7.87 14.65 -30.93
C TYR A 559 8.12 15.78 -29.95
N CYS A 560 7.44 15.78 -28.82
CA CYS A 560 7.73 16.74 -27.77
C CYS A 560 9.19 16.69 -27.38
N ALA A 561 9.73 15.48 -27.21
CA ALA A 561 11.11 15.36 -26.79
C ALA A 561 12.07 15.72 -27.91
N ILE A 562 11.74 15.43 -29.16
CA ILE A 562 12.60 15.88 -30.23
C ILE A 562 12.71 17.39 -30.24
N ILE A 563 11.58 18.08 -30.17
CA ILE A 563 11.60 19.54 -30.16
C ILE A 563 12.33 20.06 -28.93
N GLU A 564 12.04 19.47 -27.78
CA GLU A 564 12.67 19.90 -26.54
C GLU A 564 14.17 19.74 -26.58
N ASP A 565 14.65 18.60 -27.07
CA ASP A 565 16.09 18.39 -27.14
C ASP A 565 16.73 19.35 -28.12
N VAL A 566 16.09 19.59 -29.26
CA VAL A 566 16.65 20.57 -30.20
C VAL A 566 16.80 21.92 -29.52
N ILE A 567 15.81 22.31 -28.71
CA ILE A 567 15.89 23.61 -28.06
C ILE A 567 16.94 23.61 -26.97
N LEU A 568 16.86 22.67 -26.03
CA LEU A 568 17.67 22.68 -24.82
C LEU A 568 19.05 22.09 -25.01
N ARG A 569 19.44 21.73 -26.24
CA ARG A 569 20.82 21.38 -26.46
C ARG A 569 21.65 22.55 -26.92
N PHE A 570 21.03 23.61 -27.42
CA PHE A 570 21.74 24.86 -27.63
C PHE A 570 21.83 25.64 -26.34
N ALA A 571 20.81 25.53 -25.50
CA ALA A 571 20.83 26.21 -24.22
C ALA A 571 21.98 25.71 -23.36
N TRP A 572 22.17 24.39 -23.29
CA TRP A 572 23.22 23.85 -22.45
C TRP A 572 24.58 24.35 -22.88
N THR A 573 24.88 24.30 -24.17
CA THR A 573 26.18 24.76 -24.63
C THR A 573 26.37 26.24 -24.44
N ILE A 574 25.32 27.05 -24.65
CA ILE A 574 25.47 28.48 -24.40
C ILE A 574 25.71 28.73 -22.93
N GLN A 575 25.10 27.93 -22.05
CA GLN A 575 25.31 28.13 -20.63
C GLN A 575 26.72 27.75 -20.22
N ILE A 576 27.23 26.65 -20.77
CA ILE A 576 28.61 26.27 -20.48
C ILE A 576 29.56 27.37 -20.93
N SER A 577 29.39 27.82 -22.18
CA SER A 577 30.30 28.83 -22.72
C SER A 577 30.23 30.11 -21.91
N ILE A 578 29.03 30.52 -21.50
CA ILE A 578 28.87 31.73 -20.72
C ILE A 578 29.52 31.58 -19.35
N THR A 579 29.32 30.42 -18.71
CA THR A 579 29.91 30.24 -17.39
C THR A 579 31.42 30.22 -17.45
N SER A 580 31.98 29.82 -18.60
CA SER A 580 33.43 29.95 -18.77
C SER A 580 33.87 31.41 -18.72
N THR A 581 33.31 32.22 -19.61
CA THR A 581 33.73 33.63 -19.73
C THR A 581 33.20 34.47 -18.59
N THR A 582 33.96 35.49 -18.22
CA THR A 582 33.52 36.48 -17.25
C THR A 582 33.01 37.75 -17.91
N LEU A 583 32.54 37.66 -19.16
CA LEU A 583 32.22 38.88 -19.89
C LEU A 583 30.84 39.40 -19.55
N LEU A 584 29.92 38.52 -19.18
CA LEU A 584 28.51 38.89 -19.02
C LEU A 584 28.03 38.65 -17.59
N PRO A 585 28.66 39.27 -16.57
CA PRO A 585 28.22 39.09 -15.18
C PRO A 585 26.84 39.72 -14.97
N HIS A 586 26.05 39.10 -14.12
CA HIS A 586 24.62 39.50 -14.09
C HIS A 586 24.17 39.15 -15.52
N SER A 587 23.32 38.14 -15.70
CA SER A 587 23.06 37.60 -17.06
C SER A 587 24.20 36.62 -17.32
N GLY A 588 25.01 36.36 -16.31
CA GLY A 588 26.07 35.33 -16.39
C GLY A 588 25.81 34.48 -15.19
N ASP A 589 24.85 34.90 -14.39
CA ASP A 589 24.40 34.10 -13.27
C ASP A 589 22.90 34.04 -13.12
N ILE A 590 22.13 34.88 -13.81
CA ILE A 590 20.72 34.58 -13.98
C ILE A 590 20.55 33.61 -15.14
N ILE A 591 21.55 33.51 -16.00
CA ILE A 591 21.52 32.51 -17.05
C ILE A 591 21.95 31.15 -16.51
N ALA A 592 23.11 31.10 -15.86
CA ALA A 592 23.54 29.84 -15.28
C ALA A 592 22.70 29.40 -14.11
N THR A 593 21.61 30.10 -13.81
CA THR A 593 20.68 29.70 -12.76
C THR A 593 19.28 29.43 -13.29
N VAL A 594 18.97 29.93 -14.49
CA VAL A 594 17.71 29.56 -15.11
C VAL A 594 17.92 28.53 -16.22
N PHE A 595 19.16 28.33 -16.65
CA PHE A 595 19.50 27.30 -17.61
C PHE A 595 20.01 26.05 -16.96
N ALA A 596 20.33 26.09 -15.69
CA ALA A 596 20.89 24.91 -15.06
C ALA A 596 19.79 23.95 -14.64
N PRO A 597 18.67 24.39 -14.06
CA PRO A 597 17.59 23.43 -13.80
C PRO A 597 16.76 23.10 -15.03
N LEU A 598 17.03 23.70 -16.17
CA LEU A 598 16.44 23.25 -17.42
C LEU A 598 17.24 22.11 -17.99
N GLU A 599 18.55 22.12 -17.82
CA GLU A 599 19.37 21.08 -18.40
C GLU A 599 19.38 19.82 -17.57
N VAL A 600 18.97 19.88 -16.31
CA VAL A 600 18.71 18.63 -15.60
C VAL A 600 17.37 18.07 -16.05
N PHE A 601 16.45 18.92 -16.45
CA PHE A 601 15.22 18.43 -17.05
C PHE A 601 15.50 17.77 -18.38
N ARG A 602 16.38 18.34 -19.19
CA ARG A 602 16.69 17.73 -20.47
C ARG A 602 17.34 16.37 -20.28
N ARG A 603 18.16 16.22 -19.24
CA ARG A 603 18.74 14.91 -18.97
C ARG A 603 17.69 13.95 -18.44
N PHE A 604 16.78 14.43 -17.61
CA PHE A 604 15.67 13.59 -17.16
C PHE A 604 14.89 13.05 -18.33
N VAL A 605 14.70 13.86 -19.37
CA VAL A 605 13.97 13.38 -20.54
C VAL A 605 14.83 12.44 -21.37
N TRP A 606 16.07 12.80 -21.64
CA TRP A 606 16.95 11.92 -22.40
C TRP A 606 17.05 10.55 -21.76
N ASN A 607 16.90 10.47 -20.45
CA ASN A 607 16.94 9.18 -19.78
C ASN A 607 15.89 8.22 -20.33
N PHE A 608 14.66 8.71 -20.48
CA PHE A 608 13.57 7.87 -20.95
C PHE A 608 13.95 7.16 -22.23
N PHE A 609 14.31 7.92 -23.25
CA PHE A 609 14.46 7.30 -24.56
C PHE A 609 15.83 6.67 -24.73
N ARG A 610 16.83 7.06 -23.96
CA ARG A 610 18.06 6.28 -23.98
C ARG A 610 17.83 4.91 -23.38
N LEU A 611 17.19 4.82 -22.21
CA LEU A 611 16.97 3.51 -21.64
C LEU A 611 16.01 2.70 -22.48
N GLU A 612 15.06 3.35 -23.14
CA GLU A 612 14.19 2.60 -24.04
C GLU A 612 14.98 2.00 -25.19
N ASN A 613 15.83 2.80 -25.83
CA ASN A 613 16.63 2.26 -26.92
C ASN A 613 17.58 1.18 -26.44
N GLU A 614 18.07 1.29 -25.22
CA GLU A 614 18.93 0.24 -24.68
C GLU A 614 18.15 -1.05 -24.47
N HIS A 615 16.91 -0.93 -24.00
CA HIS A 615 16.07 -2.12 -23.83
C HIS A 615 15.74 -2.76 -25.16
N LEU A 616 15.40 -1.94 -26.15
CA LEU A 616 14.90 -2.49 -27.41
C LEU A 616 16.05 -2.90 -28.32
N ASN A 617 16.81 -1.92 -28.83
CA ASN A 617 17.75 -2.19 -29.91
C ASN A 617 19.17 -2.41 -29.41
N ASN A 618 19.39 -2.35 -28.10
CA ASN A 618 20.71 -2.54 -27.52
C ASN A 618 21.76 -1.70 -28.24
N CYS A 619 21.57 -0.38 -28.22
CA CYS A 619 22.50 0.52 -28.91
C CYS A 619 23.82 0.62 -28.18
N GLY A 620 23.79 0.45 -26.86
CA GLY A 620 25.01 0.60 -26.09
C GLY A 620 25.93 -0.59 -26.20
N GLU A 621 25.36 -1.80 -26.29
CA GLU A 621 26.12 -3.04 -26.40
C GLU A 621 26.91 -3.36 -25.15
N PHE A 622 26.29 -3.20 -23.97
CA PHE A 622 26.94 -3.60 -22.73
C PHE A 622 26.54 -5.02 -22.36
N ARG A 623 25.47 -5.52 -22.96
CA ARG A 623 25.09 -6.92 -22.86
C ARG A 623 24.25 -7.29 -24.07
N LYS B 1 -12.81 -37.99 -0.64
CA LYS B 1 -12.90 -36.69 0.07
C LYS B 1 -13.92 -35.83 -0.65
N PHE B 2 -14.71 -36.44 -1.52
CA PHE B 2 -15.83 -35.74 -2.14
C PHE B 2 -17.04 -35.73 -1.22
N ALA B 3 -17.17 -36.74 -0.36
CA ALA B 3 -18.30 -36.77 0.57
C ALA B 3 -18.29 -35.54 1.47
N GLU B 4 -17.11 -35.16 1.97
CA GLU B 4 -17.02 -33.98 2.80
C GLU B 4 -17.35 -32.73 2.01
N HIS B 5 -16.83 -32.62 0.79
CA HIS B 5 -17.13 -31.47 -0.05
C HIS B 5 -18.64 -31.35 -0.28
N LEU B 6 -19.29 -32.47 -0.59
CA LEU B 6 -20.72 -32.48 -0.79
C LEU B 6 -21.45 -32.02 0.46
N SER B 7 -21.23 -32.71 1.59
CA SER B 7 -21.94 -32.37 2.81
C SER B 7 -21.67 -30.94 3.26
N ALA B 8 -20.55 -30.36 2.84
CA ALA B 8 -20.25 -28.99 3.24
C ALA B 8 -20.93 -27.99 2.32
N HIS B 9 -21.03 -28.29 1.03
CA HIS B 9 -21.61 -27.36 0.07
C HIS B 9 -23.01 -27.75 -0.37
N ILE B 10 -23.56 -28.83 0.19
CA ILE B 10 -24.93 -29.22 -0.15
C ILE B 10 -25.88 -28.13 0.30
N THR B 11 -26.94 -27.93 -0.47
CA THR B 11 -27.92 -26.91 -0.11
C THR B 11 -28.68 -27.37 1.12
N PRO B 12 -28.78 -26.54 2.17
CA PRO B 12 -29.54 -26.94 3.36
C PRO B 12 -30.96 -27.33 3.04
N GLU B 13 -31.60 -26.61 2.12
CA GLU B 13 -33.02 -26.80 1.87
C GLU B 13 -33.29 -28.09 1.11
N TRP B 14 -32.50 -28.39 0.08
CA TRP B 14 -32.76 -29.55 -0.77
C TRP B 14 -31.89 -30.74 -0.41
N ARG B 15 -31.54 -30.88 0.87
CA ARG B 15 -30.61 -31.90 1.33
C ARG B 15 -31.02 -33.31 0.92
N LYS B 16 -32.28 -33.49 0.52
CA LYS B 16 -32.73 -34.82 0.11
C LYS B 16 -32.35 -35.10 -1.35
N GLN B 17 -32.65 -34.17 -2.25
CA GLN B 17 -32.61 -34.47 -3.67
C GLN B 17 -31.19 -34.78 -4.16
N TYR B 18 -30.18 -34.29 -3.45
CA TYR B 18 -28.79 -34.58 -3.81
C TYR B 18 -28.55 -36.09 -3.77
N ILE B 19 -27.67 -36.55 -4.65
CA ILE B 19 -27.36 -37.98 -4.69
C ILE B 19 -26.79 -38.42 -3.35
N GLN B 20 -27.33 -39.52 -2.83
CA GLN B 20 -26.84 -40.09 -1.57
C GLN B 20 -25.49 -40.75 -1.82
N TYR B 21 -24.49 -39.89 -2.04
CA TYR B 21 -23.16 -40.35 -2.38
C TYR B 21 -22.58 -41.24 -1.29
N GLU B 22 -22.73 -40.82 -0.04
CA GLU B 22 -22.23 -41.62 1.06
C GLU B 22 -22.94 -42.97 1.12
N ALA B 23 -24.24 -42.98 0.87
CA ALA B 23 -24.98 -44.23 0.87
C ALA B 23 -24.51 -45.13 -0.27
N PHE B 24 -24.23 -44.55 -1.44
CA PHE B 24 -23.73 -45.35 -2.55
C PHE B 24 -22.35 -45.93 -2.23
N LYS B 25 -21.50 -45.15 -1.56
CA LYS B 25 -20.19 -45.66 -1.18
C LYS B 25 -20.33 -46.79 -0.17
N ASP B 26 -21.26 -46.65 0.77
CA ASP B 26 -21.54 -47.72 1.71
C ASP B 26 -22.00 -48.98 0.98
N MET B 27 -22.89 -48.82 0.01
CA MET B 27 -23.36 -49.96 -0.77
C MET B 27 -22.22 -50.64 -1.50
N LEU B 28 -21.36 -49.86 -2.14
CA LEU B 28 -20.24 -50.44 -2.89
C LEU B 28 -19.28 -51.16 -1.96
N TYR B 29 -18.99 -50.58 -0.79
CA TYR B 29 -18.11 -51.23 0.16
C TYR B 29 -18.70 -52.55 0.64
N SER B 30 -19.98 -52.53 1.03
CA SER B 30 -20.63 -53.75 1.47
C SER B 30 -20.66 -54.79 0.36
N ALA B 31 -20.73 -54.36 -0.90
CA ALA B 31 -20.71 -55.30 -2.01
C ALA B 31 -19.33 -55.94 -2.16
N GLN B 32 -18.27 -55.13 -2.11
CA GLN B 32 -16.94 -55.68 -2.29
C GLN B 32 -16.50 -56.58 -1.16
N ASP B 33 -17.27 -56.67 -0.08
CA ASP B 33 -16.97 -57.60 0.99
C ASP B 33 -17.52 -58.98 0.66
N LYS B 47 -19.94 -65.13 -10.01
CA LYS B 47 -20.48 -64.21 -11.02
C LYS B 47 -21.84 -63.68 -10.61
N ARG B 48 -22.65 -64.55 -10.01
CA ARG B 48 -24.01 -64.17 -9.65
C ARG B 48 -24.01 -63.02 -8.64
N TYR B 49 -23.17 -63.10 -7.62
CA TYR B 49 -23.07 -62.03 -6.62
C TYR B 49 -22.87 -60.67 -7.28
N PHE B 50 -21.77 -60.54 -8.04
CA PHE B 50 -21.46 -59.27 -8.69
C PHE B 50 -22.56 -58.86 -9.66
N ALA B 51 -23.11 -59.81 -10.41
CA ALA B 51 -24.14 -59.49 -11.39
C ALA B 51 -25.37 -58.87 -10.72
N LYS B 52 -25.94 -59.57 -9.74
CA LYS B 52 -27.15 -59.06 -9.10
C LYS B 52 -26.87 -57.78 -8.33
N PHE B 53 -25.67 -57.65 -7.75
CA PHE B 53 -25.33 -56.38 -7.12
C PHE B 53 -25.34 -55.24 -8.13
N GLU B 54 -24.76 -55.47 -9.31
CA GLU B 54 -24.77 -54.45 -10.35
C GLU B 54 -26.21 -54.12 -10.76
N GLU B 55 -27.05 -55.14 -10.90
CA GLU B 55 -28.44 -54.91 -11.28
C GLU B 55 -29.13 -53.98 -10.28
N LYS B 56 -29.12 -54.37 -9.00
CA LYS B 56 -29.80 -53.55 -8.01
C LYS B 56 -29.17 -52.16 -7.88
N PHE B 57 -27.84 -52.09 -7.97
CA PHE B 57 -27.16 -50.81 -7.82
C PHE B 57 -27.52 -49.87 -8.95
N PHE B 58 -27.51 -50.36 -10.19
CA PHE B 58 -27.92 -49.54 -11.31
C PHE B 58 -29.39 -49.17 -11.26
N GLN B 59 -30.23 -50.02 -10.68
CA GLN B 59 -31.63 -49.62 -10.46
C GLN B 59 -31.69 -48.44 -9.51
N THR B 60 -30.91 -48.48 -8.43
CA THR B 60 -30.86 -47.35 -7.50
C THR B 60 -30.37 -46.09 -8.21
N CYS B 61 -29.31 -46.22 -9.02
CA CYS B 61 -28.83 -45.06 -9.75
C CYS B 61 -29.89 -44.52 -10.71
N GLU B 62 -30.67 -45.41 -11.33
CA GLU B 62 -31.70 -44.96 -12.26
C GLU B 62 -32.78 -44.18 -11.53
N LYS B 63 -33.25 -44.69 -10.39
CA LYS B 63 -34.29 -43.96 -9.67
C LYS B 63 -33.74 -42.65 -9.09
N GLU B 64 -32.46 -42.63 -8.72
CA GLU B 64 -31.84 -41.39 -8.30
C GLU B 64 -31.85 -40.37 -9.42
N LEU B 65 -31.40 -40.78 -10.61
CA LEU B 65 -31.41 -39.89 -11.77
C LEU B 65 -32.82 -39.38 -12.04
N ALA B 66 -33.81 -40.25 -11.91
CA ALA B 66 -35.20 -39.87 -12.10
C ALA B 66 -35.62 -38.79 -11.12
N LYS B 67 -35.24 -38.97 -9.85
CA LYS B 67 -35.59 -37.98 -8.84
C LYS B 67 -34.94 -36.64 -9.14
N ILE B 68 -33.66 -36.66 -9.53
CA ILE B 68 -32.97 -35.40 -9.85
C ILE B 68 -33.62 -34.73 -11.04
N ASN B 69 -33.99 -35.51 -12.06
CA ASN B 69 -34.68 -34.95 -13.21
C ASN B 69 -35.98 -34.28 -12.80
N THR B 70 -36.78 -34.97 -11.99
CA THR B 70 -38.06 -34.41 -11.56
C THR B 70 -37.88 -33.12 -10.78
N PHE B 71 -36.98 -33.13 -9.79
CA PHE B 71 -36.80 -31.95 -8.96
C PHE B 71 -36.23 -30.79 -9.77
N TYR B 72 -35.31 -31.07 -10.69
CA TYR B 72 -34.75 -30.00 -11.51
C TYR B 72 -35.82 -29.40 -12.41
N SER B 73 -36.66 -30.24 -13.01
CA SER B 73 -37.74 -29.72 -13.84
C SER B 73 -38.69 -28.86 -13.02
N GLU B 74 -39.02 -29.32 -11.82
CA GLU B 74 -39.93 -28.57 -10.96
C GLU B 74 -39.35 -27.20 -10.63
N LYS B 75 -38.10 -27.15 -10.18
CA LYS B 75 -37.55 -25.85 -9.78
C LYS B 75 -37.22 -24.99 -11.00
N LEU B 76 -37.01 -25.62 -12.16
CA LEU B 76 -36.84 -24.83 -13.37
C LEU B 76 -38.13 -24.13 -13.75
N ALA B 77 -39.25 -24.86 -13.72
CA ALA B 77 -40.54 -24.21 -13.97
C ALA B 77 -40.83 -23.15 -12.92
N GLU B 78 -40.48 -23.42 -11.66
CA GLU B 78 -40.68 -22.44 -10.60
C GLU B 78 -39.90 -21.16 -10.89
N ALA B 79 -38.63 -21.29 -11.25
CA ALA B 79 -37.83 -20.11 -11.57
C ALA B 79 -38.35 -19.42 -12.83
N GLN B 80 -38.89 -20.19 -13.78
CA GLN B 80 -39.48 -19.58 -14.96
C GLN B 80 -40.64 -18.67 -14.58
N ARG B 81 -41.58 -19.19 -13.80
CA ARG B 81 -42.71 -18.37 -13.36
C ARG B 81 -42.23 -17.20 -12.52
N ARG B 82 -41.20 -17.39 -11.70
CA ARG B 82 -40.72 -16.31 -10.85
C ARG B 82 -40.12 -15.19 -11.69
N PHE B 83 -39.31 -15.54 -12.68
CA PHE B 83 -38.81 -14.55 -13.61
C PHE B 83 -39.94 -13.84 -14.34
N ALA B 84 -41.02 -14.57 -14.64
CA ALA B 84 -42.17 -13.96 -15.30
C ALA B 84 -42.83 -12.91 -14.41
N THR B 85 -43.15 -13.28 -13.17
CA THR B 85 -43.74 -12.30 -12.27
C THR B 85 -42.80 -11.13 -12.02
N LEU B 86 -41.50 -11.40 -11.99
CA LEU B 86 -40.54 -10.34 -11.71
C LEU B 86 -40.49 -9.34 -12.86
N GLN B 87 -40.46 -9.85 -14.11
CA GLN B 87 -40.50 -8.94 -15.26
C GLN B 87 -41.82 -8.18 -15.34
N ASN B 88 -42.93 -8.79 -14.96
CA ASN B 88 -44.18 -8.04 -14.89
C ASN B 88 -44.11 -6.89 -13.90
N GLU B 89 -43.66 -7.18 -12.67
CA GLU B 89 -43.65 -6.15 -11.65
C GLU B 89 -42.66 -5.03 -12.00
N LEU B 90 -41.57 -5.38 -12.67
CA LEU B 90 -40.66 -4.34 -13.14
C LEU B 90 -41.28 -3.54 -14.28
N GLN B 91 -42.02 -4.19 -15.17
CA GLN B 91 -42.71 -3.46 -16.24
C GLN B 91 -43.74 -2.52 -15.66
N SER B 92 -44.28 -2.84 -14.48
CA SER B 92 -45.29 -1.98 -13.86
C SER B 92 -44.79 -0.55 -13.70
N SER B 93 -43.49 -0.38 -13.43
CA SER B 93 -42.91 0.94 -13.31
C SER B 93 -41.92 1.20 -14.43
N ASN B 126 -39.59 2.09 -3.23
CA ASN B 126 -39.95 0.69 -3.45
C ASN B 126 -39.09 0.08 -4.55
N ILE B 127 -38.44 0.94 -5.34
CA ILE B 127 -37.63 0.47 -6.45
C ILE B 127 -36.46 -0.36 -5.94
N LYS B 128 -35.80 0.11 -4.87
CA LYS B 128 -34.71 -0.64 -4.28
C LYS B 128 -35.21 -1.97 -3.72
N ASP B 129 -36.46 -2.02 -3.29
CA ASP B 129 -37.03 -3.29 -2.85
C ASP B 129 -37.13 -4.27 -4.02
N LEU B 130 -37.55 -3.78 -5.19
CA LEU B 130 -37.57 -4.62 -6.37
C LEU B 130 -36.15 -5.05 -6.74
N LYS B 131 -35.17 -4.17 -6.56
CA LYS B 131 -33.78 -4.55 -6.77
C LYS B 131 -33.38 -5.70 -5.86
N LEU B 132 -33.82 -5.61 -4.61
CA LEU B 132 -33.44 -6.65 -3.64
C LEU B 132 -34.10 -7.96 -4.06
N ALA B 133 -35.35 -7.90 -4.51
CA ALA B 133 -36.04 -9.10 -4.97
C ALA B 133 -35.32 -9.71 -6.17
N PHE B 134 -34.85 -8.87 -7.09
CA PHE B 134 -34.08 -9.33 -8.23
C PHE B 134 -32.82 -10.05 -7.77
N SER B 135 -32.10 -9.46 -6.82
CA SER B 135 -30.88 -10.08 -6.31
C SER B 135 -31.18 -11.42 -5.65
N GLU B 136 -32.29 -11.49 -4.91
CA GLU B 136 -32.70 -12.74 -4.30
C GLU B 136 -32.97 -13.81 -5.37
N PHE B 137 -33.65 -13.42 -6.45
CA PHE B 137 -33.93 -14.36 -7.52
C PHE B 137 -32.64 -14.85 -8.17
N TYR B 138 -31.71 -13.94 -8.40
CA TYR B 138 -30.44 -14.34 -9.01
C TYR B 138 -29.67 -15.29 -8.10
N LEU B 139 -29.67 -15.01 -6.79
CA LEU B 139 -29.03 -15.92 -5.86
C LEU B 139 -29.68 -17.30 -5.89
N SER B 140 -31.00 -17.34 -6.00
CA SER B 140 -31.68 -18.62 -6.11
C SER B 140 -31.27 -19.36 -7.36
N LEU B 141 -31.15 -18.63 -8.48
CA LEU B 141 -30.72 -19.27 -9.73
C LEU B 141 -29.31 -19.82 -9.60
N ILE B 142 -28.40 -19.05 -9.00
CA ILE B 142 -27.03 -19.51 -8.81
C ILE B 142 -27.02 -20.74 -7.93
N LEU B 143 -27.84 -20.76 -6.89
CA LEU B 143 -27.91 -21.91 -6.01
C LEU B 143 -28.39 -23.15 -6.76
N LEU B 144 -29.38 -22.98 -7.63
CA LEU B 144 -29.88 -24.14 -8.36
C LEU B 144 -28.86 -24.64 -9.38
N GLN B 145 -28.13 -23.72 -10.01
CA GLN B 145 -27.06 -24.12 -10.92
C GLN B 145 -25.98 -24.88 -10.18
N ASN B 146 -25.61 -24.40 -9.00
CA ASN B 146 -24.65 -25.12 -8.17
C ASN B 146 -25.16 -26.51 -7.83
N TYR B 147 -26.45 -26.63 -7.53
CA TYR B 147 -27.04 -27.94 -7.29
C TYR B 147 -26.83 -28.86 -8.49
N GLN B 148 -27.12 -28.34 -9.68
CA GLN B 148 -26.97 -29.14 -10.89
C GLN B 148 -25.52 -29.59 -11.07
N ASN B 149 -24.57 -28.66 -10.95
CA ASN B 149 -23.16 -29.00 -11.11
C ASN B 149 -22.72 -30.03 -10.09
N LEU B 150 -23.15 -29.85 -8.83
CA LEU B 150 -22.77 -30.78 -7.80
C LEU B 150 -23.30 -32.16 -8.08
N ASN B 151 -24.55 -32.27 -8.57
CA ASN B 151 -25.09 -33.59 -8.85
C ASN B 151 -24.37 -34.24 -10.02
N PHE B 152 -24.06 -33.46 -11.05
CA PHE B 152 -23.30 -34.01 -12.18
C PHE B 152 -21.96 -34.55 -11.71
N THR B 153 -21.20 -33.73 -11.00
CA THR B 153 -19.89 -34.16 -10.53
C THR B 153 -20.01 -35.38 -9.61
N GLY B 154 -21.03 -35.39 -8.74
CA GLY B 154 -21.19 -36.50 -7.84
C GLY B 154 -21.51 -37.79 -8.55
N PHE B 155 -22.40 -37.73 -9.54
CA PHE B 155 -22.73 -38.91 -10.30
C PHE B 155 -21.50 -39.45 -11.01
N ARG B 156 -20.74 -38.55 -11.64
CA ARG B 156 -19.52 -39.02 -12.32
C ARG B 156 -18.57 -39.66 -11.34
N LYS B 157 -18.35 -39.03 -10.19
CA LYS B 157 -17.38 -39.56 -9.23
C LYS B 157 -17.81 -40.92 -8.71
N ILE B 158 -19.08 -41.08 -8.37
CA ILE B 158 -19.52 -42.34 -7.79
C ILE B 158 -19.48 -43.44 -8.84
N LEU B 159 -19.83 -43.11 -10.09
CA LEU B 159 -19.79 -44.12 -11.13
C LEU B 159 -18.34 -44.51 -11.43
N LYS B 160 -17.42 -43.56 -11.34
CA LYS B 160 -16.01 -43.88 -11.49
C LYS B 160 -15.53 -44.77 -10.36
N LYS B 161 -15.97 -44.50 -9.13
CA LYS B 161 -15.64 -45.37 -8.01
C LYS B 161 -16.14 -46.78 -8.27
N HIS B 162 -17.37 -46.91 -8.75
CA HIS B 162 -17.91 -48.23 -9.07
C HIS B 162 -17.06 -48.91 -10.14
N ASP B 163 -16.72 -48.17 -11.20
CA ASP B 163 -15.92 -48.72 -12.28
C ASP B 163 -14.60 -49.28 -11.76
N LYS B 164 -13.91 -48.49 -10.93
CA LYS B 164 -12.60 -48.90 -10.45
C LYS B 164 -12.71 -50.07 -9.48
N ILE B 165 -13.76 -50.08 -8.64
CA ILE B 165 -13.85 -51.09 -7.60
C ILE B 165 -14.30 -52.42 -8.18
N LEU B 166 -15.29 -52.40 -9.07
CA LEU B 166 -15.89 -53.62 -9.58
C LEU B 166 -15.15 -54.19 -10.78
N GLU B 167 -14.08 -53.54 -11.24
CA GLU B 167 -13.30 -54.02 -12.38
C GLU B 167 -14.19 -54.25 -13.61
N THR B 168 -15.11 -53.32 -13.85
CA THR B 168 -16.03 -53.40 -14.98
C THR B 168 -16.19 -52.04 -15.63
N SER B 169 -16.05 -52.00 -16.95
CA SER B 169 -16.09 -50.77 -17.72
C SER B 169 -17.49 -50.39 -18.18
N ARG B 170 -18.50 -51.22 -17.91
CA ARG B 170 -19.85 -50.87 -18.33
C ARG B 170 -20.42 -49.75 -17.47
N GLY B 171 -19.75 -49.42 -16.37
CA GLY B 171 -20.16 -48.31 -15.53
C GLY B 171 -20.14 -46.98 -16.27
N ALA B 172 -19.00 -46.65 -16.86
CA ALA B 172 -18.92 -45.42 -17.66
C ALA B 172 -19.85 -45.48 -18.86
N ASP B 173 -20.11 -46.68 -19.38
CA ASP B 173 -21.07 -46.82 -20.47
C ASP B 173 -22.46 -46.40 -20.04
N TRP B 174 -22.92 -46.92 -18.90
CA TRP B 174 -24.22 -46.51 -18.36
C TRP B 174 -24.22 -45.02 -18.04
N ARG B 175 -23.07 -44.50 -17.58
CA ARG B 175 -22.93 -43.07 -17.35
C ARG B 175 -23.27 -42.29 -18.60
N VAL B 176 -22.48 -42.50 -19.66
CA VAL B 176 -22.65 -41.73 -20.89
C VAL B 176 -23.99 -42.02 -21.55
N ALA B 177 -24.59 -43.18 -21.29
CA ALA B 177 -25.87 -43.50 -21.91
C ALA B 177 -27.01 -42.77 -21.20
N HIS B 178 -27.20 -43.06 -19.92
CA HIS B 178 -28.32 -42.48 -19.18
C HIS B 178 -28.07 -41.01 -18.86
N VAL B 179 -27.01 -40.73 -18.09
CA VAL B 179 -26.63 -39.34 -17.84
C VAL B 179 -25.96 -38.78 -19.10
N GLU B 180 -25.82 -37.46 -19.13
CA GLU B 180 -25.27 -36.68 -20.23
C GLU B 180 -26.14 -36.75 -21.48
N VAL B 181 -27.25 -37.48 -21.46
CA VAL B 181 -28.15 -37.57 -22.60
C VAL B 181 -29.53 -37.25 -22.05
N ALA B 182 -29.58 -36.95 -20.76
CA ALA B 182 -30.83 -36.72 -20.05
C ALA B 182 -30.91 -35.27 -19.58
N PRO B 183 -32.11 -34.77 -19.33
CA PRO B 183 -32.24 -33.44 -18.72
C PRO B 183 -31.53 -33.40 -17.38
N PHE B 184 -31.51 -32.19 -16.81
CA PHE B 184 -30.84 -31.78 -15.57
C PHE B 184 -29.34 -31.69 -15.78
N TYR B 185 -28.81 -32.21 -16.89
CA TYR B 185 -27.45 -31.90 -17.27
C TYR B 185 -27.44 -31.30 -18.68
N THR B 186 -28.15 -31.96 -19.60
CA THR B 186 -28.16 -31.51 -20.98
C THR B 186 -28.88 -30.18 -21.12
N CYS B 187 -29.86 -29.93 -20.26
CA CYS B 187 -30.59 -28.67 -20.29
C CYS B 187 -29.67 -27.52 -19.91
N LYS B 188 -29.89 -26.37 -20.56
CA LYS B 188 -29.13 -25.17 -20.25
C LYS B 188 -30.03 -23.98 -19.96
N LYS B 189 -31.31 -24.23 -19.63
CA LYS B 189 -32.24 -23.12 -19.47
C LYS B 189 -31.81 -22.18 -18.35
N ILE B 190 -31.09 -22.70 -17.36
CA ILE B 190 -30.61 -21.85 -16.27
C ILE B 190 -29.59 -20.85 -16.79
N ASN B 191 -28.78 -21.26 -17.76
CA ASN B 191 -27.81 -20.34 -18.35
C ASN B 191 -28.51 -19.13 -18.96
N GLN B 192 -29.50 -19.38 -19.82
CA GLN B 192 -30.15 -18.27 -20.49
C GLN B 192 -30.97 -17.45 -19.49
N LEU B 193 -31.59 -18.10 -18.51
CA LEU B 193 -32.29 -17.34 -17.48
C LEU B 193 -31.34 -16.39 -16.77
N ILE B 194 -30.15 -16.87 -16.41
CA ILE B 194 -29.18 -16.01 -15.73
C ILE B 194 -28.75 -14.89 -16.64
N SER B 195 -28.58 -15.18 -17.94
CA SER B 195 -28.19 -14.18 -18.91
C SER B 195 -29.24 -13.08 -19.03
N GLU B 196 -30.50 -13.48 -19.21
CA GLU B 196 -31.58 -12.51 -19.35
C GLU B 196 -31.75 -11.72 -18.07
N THR B 197 -31.51 -12.35 -16.92
CA THR B 197 -31.61 -11.60 -15.67
C THR B 197 -30.54 -10.54 -15.57
N GLU B 198 -29.29 -10.90 -15.86
CA GLU B 198 -28.23 -9.89 -15.89
C GLU B 198 -28.57 -8.77 -16.85
N ALA B 199 -29.05 -9.13 -18.05
CA ALA B 199 -29.38 -8.13 -19.06
C ALA B 199 -30.48 -7.20 -18.58
N VAL B 200 -31.53 -7.77 -17.98
CA VAL B 200 -32.68 -6.95 -17.61
C VAL B 200 -32.34 -6.05 -16.44
N VAL B 201 -31.54 -6.54 -15.48
CA VAL B 201 -31.18 -5.66 -14.37
C VAL B 201 -30.27 -4.55 -14.87
N THR B 202 -29.33 -4.89 -15.76
CA THR B 202 -28.43 -3.87 -16.29
C THR B 202 -29.17 -2.80 -17.08
N ASN B 203 -30.15 -3.18 -17.91
CA ASN B 203 -30.77 -2.21 -18.79
C ASN B 203 -31.95 -1.49 -18.16
N GLU B 204 -32.64 -2.08 -17.18
CA GLU B 204 -33.72 -1.37 -16.52
C GLU B 204 -33.23 -0.72 -15.23
N LEU B 205 -32.66 -1.51 -14.33
CA LEU B 205 -32.33 -0.99 -13.01
C LEU B 205 -31.00 -0.25 -13.05
N GLU B 206 -30.01 -0.81 -13.73
CA GLU B 206 -28.70 -0.16 -13.80
C GLU B 206 -28.60 0.75 -15.02
N ASP B 207 -29.55 0.63 -15.95
CA ASP B 207 -29.73 1.45 -17.14
C ASP B 207 -28.59 1.28 -18.13
N GLY B 208 -27.70 0.30 -17.95
CA GLY B 208 -26.63 0.07 -18.90
C GLY B 208 -25.27 -0.07 -18.25
N ASP B 209 -25.24 -0.09 -16.92
CA ASP B 209 -23.97 -0.23 -16.18
C ASP B 209 -23.82 -1.70 -15.82
N ARG B 210 -23.20 -2.45 -16.75
CA ARG B 210 -23.08 -3.89 -16.58
C ARG B 210 -22.25 -4.25 -15.36
N GLN B 211 -21.11 -3.57 -15.16
CA GLN B 211 -20.23 -3.94 -14.07
C GLN B 211 -20.89 -3.73 -12.71
N LYS B 212 -21.64 -2.63 -12.57
CA LYS B 212 -22.30 -2.39 -11.29
C LYS B 212 -23.39 -3.43 -11.04
N ALA B 213 -24.06 -3.89 -12.09
CA ALA B 213 -24.99 -4.99 -11.94
C ALA B 213 -24.27 -6.26 -11.50
N MET B 214 -23.08 -6.49 -12.06
CA MET B 214 -22.29 -7.65 -11.64
C MET B 214 -21.89 -7.52 -10.17
N LYS B 215 -21.74 -6.29 -9.68
CA LYS B 215 -21.50 -6.11 -8.25
C LYS B 215 -22.76 -6.35 -7.45
N ARG B 216 -23.92 -5.95 -7.96
CA ARG B 216 -25.15 -6.08 -7.20
C ARG B 216 -25.57 -7.54 -7.06
N LEU B 217 -25.05 -8.40 -7.95
CA LEU B 217 -25.42 -9.80 -7.99
C LEU B 217 -24.19 -10.65 -7.67
N ARG B 218 -24.42 -11.82 -7.07
CA ARG B 218 -23.38 -12.80 -6.72
C ARG B 218 -22.15 -12.16 -6.06
N VAL B 219 -22.33 -11.07 -5.32
CA VAL B 219 -21.17 -10.38 -4.76
C VAL B 219 -20.57 -11.21 -3.64
N PRO B 220 -19.26 -11.41 -3.59
CA PRO B 220 -18.57 -12.11 -2.50
C PRO B 220 -18.30 -11.23 -1.29
N ALA B 228 -6.49 0.12 2.77
CA ALA B 228 -6.34 1.48 2.27
C ALA B 228 -5.41 1.50 1.08
N PRO B 229 -5.77 2.25 0.04
CA PRO B 229 -4.95 2.28 -1.17
C PRO B 229 -3.61 2.93 -0.93
N ALA B 230 -2.83 3.05 -2.00
CA ALA B 230 -1.57 3.77 -1.89
C ALA B 230 -1.79 5.27 -1.84
N TRP B 231 -2.69 5.79 -2.68
CA TRP B 231 -2.92 7.22 -2.69
C TRP B 231 -3.45 7.73 -1.37
N THR B 232 -4.26 6.94 -0.66
CA THR B 232 -4.77 7.43 0.61
C THR B 232 -3.69 7.51 1.66
N THR B 233 -2.76 6.56 1.68
CA THR B 233 -1.65 6.69 2.62
C THR B 233 -0.75 7.84 2.23
N PHE B 234 -0.56 8.08 0.94
CA PHE B 234 0.23 9.23 0.53
C PHE B 234 -0.43 10.51 0.98
N ARG B 235 -1.75 10.61 0.87
CA ARG B 235 -2.41 11.84 1.29
C ARG B 235 -2.42 11.98 2.81
N VAL B 236 -2.56 10.88 3.54
CA VAL B 236 -2.41 10.95 4.99
C VAL B 236 -1.06 11.54 5.34
N GLY B 237 -0.02 11.10 4.65
CA GLY B 237 1.30 11.63 4.92
C GLY B 237 1.44 13.08 4.50
N LEU B 238 0.91 13.44 3.34
CA LEU B 238 0.96 14.81 2.87
C LEU B 238 0.32 15.74 3.87
N PHE B 239 -0.88 15.41 4.31
CA PHE B 239 -1.60 16.29 5.22
C PHE B 239 -0.94 16.31 6.59
N CYS B 240 -0.40 15.19 7.06
CA CYS B 240 0.31 15.24 8.34
C CYS B 240 1.57 16.09 8.24
N GLY B 241 2.24 16.10 7.09
CA GLY B 241 3.43 16.92 6.97
C GLY B 241 3.11 18.40 6.91
N ILE B 242 2.17 18.77 6.05
CA ILE B 242 1.73 20.16 6.00
C ILE B 242 1.27 20.61 7.38
N PHE B 243 0.54 19.76 8.09
CA PHE B 243 0.05 20.10 9.41
C PHE B 243 1.17 20.29 10.40
N ILE B 244 2.20 19.44 10.35
CA ILE B 244 3.33 19.60 11.27
C ILE B 244 4.01 20.93 11.04
N VAL B 245 4.30 21.26 9.78
CA VAL B 245 5.02 22.50 9.53
C VAL B 245 4.16 23.70 9.89
N LEU B 246 2.86 23.62 9.64
CA LEU B 246 2.01 24.75 9.99
C LEU B 246 1.91 24.91 11.50
N ASN B 247 1.95 23.83 12.26
CA ASN B 247 1.94 23.99 13.71
C ASN B 247 3.25 24.60 14.22
N ILE B 248 4.37 24.23 13.60
CA ILE B 248 5.63 24.84 14.03
C ILE B 248 5.64 26.32 13.69
N THR B 249 5.15 26.68 12.51
CA THR B 249 5.00 28.09 12.17
C THR B 249 4.06 28.79 13.14
N LEU B 250 3.02 28.10 13.58
CA LEU B 250 2.07 28.69 14.52
C LEU B 250 2.73 29.02 15.85
N VAL B 251 3.47 28.06 16.40
CA VAL B 251 4.14 28.30 17.67
C VAL B 251 5.16 29.42 17.53
N LEU B 252 5.92 29.42 16.43
CA LEU B 252 6.91 30.46 16.24
C LEU B 252 6.28 31.82 16.04
N ALA B 253 5.08 31.86 15.45
CA ALA B 253 4.41 33.14 15.32
C ALA B 253 3.85 33.62 16.64
N ALA B 254 3.37 32.69 17.47
CA ALA B 254 2.86 33.11 18.77
C ALA B 254 3.97 33.63 19.65
N VAL B 255 5.14 33.00 19.60
CA VAL B 255 6.23 33.48 20.43
C VAL B 255 6.74 34.84 19.94
N PHE B 256 6.86 35.00 18.64
CA PHE B 256 7.30 36.27 18.05
C PHE B 256 6.17 36.97 17.31
N ILE B 264 -6.82 38.39 23.08
CA ILE B 264 -6.80 37.12 22.37
C ILE B 264 -7.91 36.20 22.83
N TRP B 265 -8.38 36.38 24.06
CA TRP B 265 -9.33 35.42 24.61
C TRP B 265 -10.61 35.30 23.80
N PRO B 266 -11.09 36.32 23.08
CA PRO B 266 -12.12 36.06 22.06
C PRO B 266 -11.59 35.36 20.83
N LEU B 267 -10.34 34.90 20.84
CA LEU B 267 -9.80 34.15 19.72
C LEU B 267 -9.20 32.83 20.14
N ILE B 268 -9.03 32.59 21.44
CA ILE B 268 -8.80 31.26 21.95
C ILE B 268 -10.13 30.55 22.20
N ARG B 269 -11.23 31.24 22.01
CA ARG B 269 -12.52 30.62 22.25
C ARG B 269 -13.18 30.31 20.92
N ILE B 270 -12.65 30.86 19.84
CA ILE B 270 -13.21 30.59 18.53
C ILE B 270 -12.40 29.54 17.80
N TYR B 271 -11.19 29.29 18.27
CA TYR B 271 -10.38 28.22 17.68
C TYR B 271 -10.26 27.02 18.60
N ARG B 272 -10.77 27.10 19.81
CA ARG B 272 -10.85 25.90 20.64
C ARG B 272 -11.85 24.91 20.06
N GLY B 273 -12.91 25.40 19.43
CA GLY B 273 -13.82 24.49 18.78
C GLY B 273 -13.15 23.67 17.70
N GLY B 274 -12.50 24.34 16.76
CA GLY B 274 -11.80 23.62 15.74
C GLY B 274 -10.73 22.69 16.30
N PHE B 275 -10.04 23.13 17.34
CA PHE B 275 -8.98 22.29 17.87
C PHE B 275 -9.53 21.02 18.47
N LEU B 276 -10.59 21.12 19.27
CA LEU B 276 -11.16 19.92 19.86
C LEU B 276 -11.73 19.01 18.80
N LEU B 277 -12.35 19.56 17.76
CA LEU B 277 -12.90 18.69 16.72
C LEU B 277 -11.81 17.95 15.98
N ILE B 278 -10.72 18.64 15.62
CA ILE B 278 -9.66 17.96 14.89
C ILE B 278 -8.95 16.96 15.78
N GLU B 279 -8.75 17.28 17.06
CA GLU B 279 -8.16 16.31 17.95
C GLU B 279 -9.04 15.08 18.07
N PHE B 280 -10.35 15.29 18.17
CA PHE B 280 -11.26 14.17 18.26
C PHE B 280 -11.21 13.31 17.02
N LEU B 281 -11.08 13.90 15.85
CA LEU B 281 -11.02 13.08 14.65
C LEU B 281 -9.71 12.30 14.54
N PHE B 282 -8.59 12.93 14.89
CA PHE B 282 -7.33 12.16 14.93
C PHE B 282 -7.44 11.00 15.89
N LEU B 283 -7.90 11.27 17.12
CA LEU B 283 -7.98 10.21 18.10
C LEU B 283 -9.01 9.16 17.73
N LEU B 284 -10.05 9.52 16.98
CA LEU B 284 -11.00 8.50 16.53
C LEU B 284 -10.42 7.66 15.41
N GLY B 285 -9.54 8.22 14.59
CA GLY B 285 -8.82 7.38 13.66
C GLY B 285 -7.94 6.38 14.37
N ILE B 286 -7.25 6.82 15.42
CA ILE B 286 -6.47 5.89 16.22
C ILE B 286 -7.37 4.83 16.84
N ASN B 287 -8.58 5.21 17.22
CA ASN B 287 -9.52 4.22 17.75
C ASN B 287 -9.92 3.20 16.70
N THR B 288 -10.27 3.66 15.50
CA THR B 288 -10.62 2.72 14.45
C THR B 288 -9.48 1.74 14.19
N TYR B 289 -8.25 2.21 14.18
CA TYR B 289 -7.13 1.30 14.02
C TYR B 289 -7.06 0.30 15.17
N GLY B 290 -7.04 0.79 16.40
CA GLY B 290 -6.87 -0.10 17.54
C GLY B 290 -8.06 -1.03 17.77
N TRP B 291 -9.17 -0.76 17.11
CA TRP B 291 -10.26 -1.73 17.09
C TRP B 291 -10.02 -2.79 16.03
N ARG B 292 -9.86 -2.36 14.78
CA ARG B 292 -9.65 -3.30 13.69
C ARG B 292 -8.44 -4.19 13.89
N GLN B 293 -7.48 -3.78 14.71
CA GLN B 293 -6.29 -4.58 14.94
C GLN B 293 -6.38 -5.47 16.17
N ALA B 294 -7.39 -5.30 17.01
CA ALA B 294 -7.66 -6.24 18.09
C ALA B 294 -8.89 -7.06 17.79
N GLY B 295 -9.32 -7.10 16.54
CA GLY B 295 -10.45 -7.92 16.14
C GLY B 295 -11.80 -7.42 16.57
N VAL B 296 -11.87 -6.36 17.37
CA VAL B 296 -13.15 -5.87 17.87
C VAL B 296 -13.97 -5.41 16.66
N ASN B 297 -15.01 -6.18 16.33
CA ASN B 297 -15.80 -5.92 15.13
C ASN B 297 -16.66 -4.69 15.37
N HIS B 298 -16.07 -3.51 15.10
CA HIS B 298 -16.86 -2.29 15.18
C HIS B 298 -17.77 -2.13 13.97
N VAL B 299 -17.44 -2.75 12.84
CA VAL B 299 -18.29 -2.64 11.65
C VAL B 299 -19.66 -3.24 11.93
N LEU B 300 -19.71 -4.30 12.73
CA LEU B 300 -20.99 -4.90 13.06
C LEU B 300 -21.74 -4.09 14.09
N ILE B 301 -21.04 -3.64 15.14
CA ILE B 301 -21.74 -2.94 16.22
C ILE B 301 -22.30 -1.62 15.73
N PHE B 302 -21.57 -0.90 14.89
CA PHE B 302 -22.08 0.36 14.39
C PHE B 302 -23.14 0.19 13.32
N GLU B 303 -23.25 -1.00 12.72
CA GLU B 303 -24.14 -1.27 11.59
C GLU B 303 -23.69 -0.53 10.34
N LEU B 304 -22.39 -0.57 10.06
CA LEU B 304 -21.88 0.00 8.83
C LEU B 304 -21.83 -1.06 7.75
N ASN B 305 -21.88 -0.60 6.50
CA ASN B 305 -21.80 -1.48 5.35
C ASN B 305 -20.49 -2.25 5.37
N PRO B 306 -20.49 -3.56 5.62
CA PRO B 306 -19.22 -4.28 5.81
C PRO B 306 -18.36 -4.34 4.57
N ARG B 307 -18.92 -4.05 3.40
CA ARG B 307 -18.12 -4.07 2.18
C ARG B 307 -17.23 -2.84 2.10
N SER B 308 -17.79 -1.66 2.35
CA SER B 308 -17.04 -0.40 2.26
C SER B 308 -17.30 0.40 3.52
N ASN B 309 -16.28 0.50 4.37
CA ASN B 309 -16.35 1.38 5.52
C ASN B 309 -15.01 2.09 5.66
N LEU B 310 -14.99 3.15 6.47
CA LEU B 310 -13.79 3.95 6.65
C LEU B 310 -12.78 3.19 7.48
N SER B 311 -11.53 3.17 7.02
CA SER B 311 -10.43 2.62 7.79
C SER B 311 -9.92 3.69 8.74
N HIS B 312 -8.75 3.47 9.34
CA HIS B 312 -8.18 4.53 10.15
C HIS B 312 -7.48 5.56 9.29
N GLN B 313 -7.01 5.18 8.12
CA GLN B 313 -6.31 6.15 7.27
C GLN B 313 -7.27 7.18 6.71
N HIS B 314 -8.54 6.84 6.50
CA HIS B 314 -9.46 7.85 6.02
C HIS B 314 -9.83 8.84 7.12
N LEU B 315 -9.89 8.39 8.36
CA LEU B 315 -10.10 9.34 9.44
C LEU B 315 -8.86 10.21 9.66
N PHE B 316 -7.67 9.63 9.54
CA PHE B 316 -6.46 10.43 9.63
C PHE B 316 -6.41 11.47 8.53
N GLU B 317 -6.92 11.14 7.35
CA GLU B 317 -6.87 12.10 6.25
C GLU B 317 -7.92 13.18 6.41
N ILE B 318 -9.13 12.85 6.84
CA ILE B 318 -10.12 13.89 7.11
C ILE B 318 -9.62 14.83 8.20
N ALA B 319 -9.08 14.28 9.28
CA ALA B 319 -8.60 15.12 10.37
C ALA B 319 -7.41 15.96 9.93
N GLY B 320 -6.51 15.40 9.12
CA GLY B 320 -5.39 16.18 8.65
C GLY B 320 -5.83 17.33 7.77
N PHE B 321 -6.82 17.12 6.92
CA PHE B 321 -7.28 18.21 6.06
C PHE B 321 -7.96 19.30 6.88
N LEU B 322 -8.83 18.92 7.81
CA LEU B 322 -9.45 19.93 8.65
C LEU B 322 -8.40 20.65 9.49
N GLY B 323 -7.34 19.96 9.88
CA GLY B 323 -6.28 20.61 10.62
C GLY B 323 -5.48 21.58 9.78
N ILE B 324 -5.30 21.26 8.51
CA ILE B 324 -4.66 22.21 7.60
C ILE B 324 -5.49 23.47 7.50
N LEU B 325 -6.81 23.32 7.36
CA LEU B 325 -7.67 24.49 7.32
C LEU B 325 -7.59 25.30 8.60
N TRP B 326 -7.60 24.62 9.74
CA TRP B 326 -7.51 25.33 11.02
C TRP B 326 -6.20 26.10 11.12
N CYS B 327 -5.08 25.46 10.79
CA CYS B 327 -3.80 26.14 10.93
C CYS B 327 -3.68 27.28 9.95
N LEU B 328 -4.21 27.15 8.73
CA LEU B 328 -4.15 28.26 7.78
C LEU B 328 -4.98 29.43 8.27
N SER B 329 -6.17 29.18 8.79
CA SER B 329 -6.96 30.28 9.31
C SER B 329 -6.29 30.95 10.49
N LEU B 330 -5.75 30.17 11.41
CA LEU B 330 -5.08 30.78 12.56
C LEU B 330 -3.88 31.60 12.12
N LEU B 331 -3.11 31.11 11.17
CA LEU B 331 -2.00 31.89 10.64
C LEU B 331 -2.49 33.18 10.04
N ALA B 332 -3.52 33.13 9.20
CA ALA B 332 -4.06 34.35 8.64
C ALA B 332 -4.48 35.32 9.71
N CYS B 333 -4.91 34.81 10.87
CA CYS B 333 -5.21 35.71 11.98
C CYS B 333 -3.94 36.32 12.56
N PHE B 334 -2.82 35.59 12.53
CA PHE B 334 -1.57 36.17 13.04
C PHE B 334 -0.89 37.06 11.99
N PHE B 335 -0.38 36.45 10.93
CA PHE B 335 0.32 37.16 9.86
C PHE B 335 -0.73 37.75 8.93
N ALA B 336 -1.44 38.75 9.41
CA ALA B 336 -2.61 39.22 8.69
C ALA B 336 -2.28 39.48 7.23
N PRO B 337 -2.73 38.61 6.33
CA PRO B 337 -2.53 38.86 4.90
C PRO B 337 -3.45 39.96 4.45
N ILE B 338 -3.66 40.03 3.15
CA ILE B 338 -4.23 41.19 2.46
C ILE B 338 -5.29 41.85 3.32
N SER B 339 -5.10 43.14 3.58
CA SER B 339 -5.83 43.85 4.62
C SER B 339 -7.13 44.45 4.13
N VAL B 340 -7.58 44.08 2.93
CA VAL B 340 -8.93 44.44 2.53
C VAL B 340 -9.94 43.70 3.39
N ILE B 341 -9.64 42.47 3.78
CA ILE B 341 -10.53 41.63 4.57
C ILE B 341 -10.05 41.62 6.02
N PRO B 342 -10.90 41.91 6.98
CA PRO B 342 -10.43 42.06 8.37
C PRO B 342 -9.99 40.73 8.95
N THR B 343 -9.65 40.77 10.23
CA THR B 343 -9.26 39.53 10.91
C THR B 343 -10.47 38.65 11.18
N TYR B 344 -11.59 39.24 11.58
CA TYR B 344 -12.72 38.44 12.02
C TYR B 344 -13.36 37.63 10.90
N VAL B 345 -12.77 37.60 9.70
CA VAL B 345 -13.38 36.89 8.58
C VAL B 345 -12.76 35.51 8.44
N TYR B 346 -11.64 35.27 9.10
CA TYR B 346 -11.05 33.95 8.96
C TYR B 346 -11.75 32.90 9.82
N PRO B 347 -12.14 33.18 11.07
CA PRO B 347 -13.00 32.22 11.76
C PRO B 347 -14.27 31.92 11.01
N LEU B 348 -14.95 32.92 10.47
CA LEU B 348 -16.14 32.66 9.68
C LEU B 348 -15.81 31.82 8.45
N ALA B 349 -14.71 32.12 7.78
CA ALA B 349 -14.34 31.34 6.61
C ALA B 349 -14.01 29.91 7.00
N LEU B 350 -13.29 29.72 8.11
CA LEU B 350 -12.94 28.37 8.53
C LEU B 350 -14.17 27.54 8.85
N TYR B 351 -15.08 28.07 9.66
CA TYR B 351 -16.22 27.26 10.04
C TYR B 351 -17.26 27.16 8.94
N GLY B 352 -17.36 28.17 8.08
CA GLY B 352 -18.16 28.01 6.89
C GLY B 352 -17.64 26.91 6.00
N PHE B 353 -16.32 26.82 5.86
CA PHE B 353 -15.76 25.74 5.07
C PHE B 353 -15.98 24.39 5.71
N MET B 354 -15.82 24.29 7.03
CA MET B 354 -16.05 23.01 7.68
C MET B 354 -17.49 22.56 7.50
N VAL B 355 -18.45 23.46 7.76
CA VAL B 355 -19.85 23.09 7.63
C VAL B 355 -20.20 22.79 6.17
N PHE B 356 -19.60 23.50 5.23
CA PHE B 356 -19.88 23.17 3.84
C PHE B 356 -19.26 21.83 3.45
N PHE B 357 -18.14 21.47 4.05
CA PHE B 357 -17.58 20.15 3.81
C PHE B 357 -18.49 19.08 4.36
N LEU B 358 -19.16 19.36 5.47
CA LEU B 358 -20.07 18.37 6.02
C LEU B 358 -21.33 18.22 5.16
N ILE B 359 -21.99 19.32 4.82
CA ILE B 359 -23.29 19.25 4.17
C ILE B 359 -23.17 19.42 2.67
N ASN B 360 -22.01 19.11 2.13
CA ASN B 360 -21.76 19.15 0.69
C ASN B 360 -22.79 18.32 -0.05
N PRO B 361 -23.60 18.93 -0.92
CA PRO B 361 -24.66 18.14 -1.58
C PRO B 361 -24.16 17.23 -2.67
N THR B 362 -23.11 17.61 -3.40
CA THR B 362 -22.63 16.76 -4.48
C THR B 362 -21.93 15.53 -3.93
N LYS B 363 -22.09 14.41 -4.63
CA LYS B 363 -21.55 13.15 -4.15
C LYS B 363 -20.04 13.08 -4.32
N THR B 364 -19.30 13.89 -3.56
CA THR B 364 -17.85 13.85 -3.56
C THR B 364 -17.34 13.97 -2.13
N PHE B 365 -16.09 13.57 -1.93
CA PHE B 365 -15.38 13.77 -0.66
C PHE B 365 -16.10 13.06 0.49
N TYR B 366 -16.10 11.73 0.40
CA TYR B 366 -16.65 10.86 1.43
C TYR B 366 -18.17 11.01 1.52
N TYR B 367 -18.83 11.06 0.37
CA TYR B 367 -20.26 11.36 0.36
C TYR B 367 -21.04 10.40 1.23
N LYS B 368 -20.81 9.10 1.07
CA LYS B 368 -21.55 8.13 1.86
C LYS B 368 -21.26 8.31 3.34
N SER B 369 -20.01 8.59 3.70
CA SER B 369 -19.66 8.76 5.10
C SER B 369 -20.31 10.01 5.68
N ARG B 370 -20.19 11.13 4.96
CA ARG B 370 -20.76 12.38 5.47
C ARG B 370 -22.26 12.28 5.61
N PHE B 371 -22.93 11.62 4.68
CA PHE B 371 -24.37 11.56 4.82
C PHE B 371 -24.82 10.53 5.85
N TRP B 372 -24.05 9.46 6.06
CA TRP B 372 -24.32 8.63 7.23
C TRP B 372 -24.23 9.46 8.49
N LEU B 373 -23.19 10.30 8.58
CA LEU B 373 -23.02 11.10 9.78
C LEU B 373 -24.14 12.10 9.95
N LEU B 374 -24.64 12.65 8.84
CA LEU B 374 -25.72 13.63 8.93
C LEU B 374 -27.02 12.96 9.38
N LYS B 375 -27.33 11.78 8.85
CA LYS B 375 -28.50 11.07 9.36
C LYS B 375 -28.32 10.72 10.83
N LEU B 376 -27.11 10.34 11.22
CA LEU B 376 -26.86 10.03 12.62
C LEU B 376 -27.08 11.24 13.51
N LEU B 377 -26.64 12.41 13.06
CA LEU B 377 -26.80 13.62 13.87
C LEU B 377 -28.26 14.04 13.93
N PHE B 378 -28.99 13.89 12.82
CA PHE B 378 -30.41 14.19 12.87
C PHE B 378 -31.13 13.27 13.85
N ARG B 379 -30.74 11.99 13.87
CA ARG B 379 -31.38 11.06 14.78
C ARG B 379 -30.94 11.29 16.21
N VAL B 380 -29.77 11.89 16.43
CA VAL B 380 -29.36 12.17 17.79
C VAL B 380 -30.10 13.39 18.33
N PHE B 381 -30.11 14.48 17.56
CA PHE B 381 -30.55 15.73 18.15
C PHE B 381 -32.07 15.79 18.34
N THR B 382 -32.83 15.10 17.51
CA THR B 382 -34.26 14.90 17.76
C THR B 382 -34.45 13.56 18.46
N ALA B 383 -34.07 13.55 19.73
CA ALA B 383 -33.72 12.29 20.37
C ALA B 383 -34.91 11.42 20.70
N PRO B 384 -35.90 11.86 21.50
CA PRO B 384 -36.84 10.89 22.07
C PRO B 384 -37.70 10.17 21.05
N PHE B 385 -37.55 10.50 19.77
CA PHE B 385 -38.41 9.95 18.73
C PHE B 385 -37.83 8.71 18.06
N HIS B 386 -36.61 8.78 17.55
CA HIS B 386 -36.05 7.63 16.86
C HIS B 386 -35.62 6.56 17.83
N LYS B 387 -35.69 5.30 17.40
CA LYS B 387 -35.27 4.20 18.24
C LYS B 387 -33.76 4.20 18.36
N VAL B 388 -33.28 3.94 19.58
CA VAL B 388 -31.90 4.16 19.95
C VAL B 388 -31.08 2.99 19.41
N GLY B 389 -30.38 3.21 18.31
CA GLY B 389 -29.45 2.22 17.78
C GLY B 389 -28.26 2.09 18.70
N PHE B 390 -27.11 1.75 18.12
CA PHE B 390 -25.88 1.94 18.87
C PHE B 390 -25.10 3.16 18.43
N ALA B 391 -25.06 3.46 17.13
CA ALA B 391 -24.44 4.70 16.72
C ALA B 391 -25.12 5.89 17.37
N ASP B 392 -26.42 5.81 17.61
CA ASP B 392 -27.13 6.90 18.26
C ASP B 392 -26.81 6.98 19.74
N PHE B 393 -26.41 5.88 20.35
CA PHE B 393 -25.96 5.95 21.72
C PHE B 393 -24.51 6.36 21.82
N TRP B 394 -23.68 5.95 20.88
CA TRP B 394 -22.29 6.31 20.88
C TRP B 394 -22.12 7.80 20.60
N LEU B 395 -22.65 8.30 19.49
CA LEU B 395 -22.52 9.71 19.19
C LEU B 395 -23.05 10.56 20.32
N ALA B 396 -24.30 10.36 20.71
CA ALA B 396 -24.88 11.21 21.74
C ALA B 396 -24.15 11.09 23.06
N ASP B 397 -23.28 10.10 23.20
CA ASP B 397 -22.43 10.02 24.37
C ASP B 397 -21.04 10.52 24.11
N GLN B 398 -20.80 11.12 22.96
CA GLN B 398 -19.55 11.78 22.66
C GLN B 398 -19.72 13.24 22.37
N LEU B 399 -20.93 13.74 22.48
CA LEU B 399 -21.15 15.15 22.68
C LEU B 399 -21.12 15.49 24.16
N ASN B 400 -21.05 14.49 25.02
CA ASN B 400 -20.80 14.74 26.42
C ASN B 400 -19.37 15.12 26.69
N SER B 401 -18.47 14.92 25.74
CA SER B 401 -17.09 15.37 25.89
C SER B 401 -16.72 16.50 24.95
N LEU B 402 -17.37 16.60 23.81
CA LEU B 402 -17.23 17.77 22.97
C LEU B 402 -18.24 18.85 23.32
N SER B 403 -18.61 18.96 24.59
CA SER B 403 -19.52 20.04 24.98
C SER B 403 -18.87 21.40 24.81
N VAL B 404 -17.54 21.44 24.79
CA VAL B 404 -16.86 22.72 24.59
C VAL B 404 -17.02 23.19 23.16
N ILE B 405 -17.18 22.29 22.20
CA ILE B 405 -17.44 22.74 20.85
C ILE B 405 -18.79 23.44 20.77
N LEU B 406 -19.79 22.94 21.50
CA LEU B 406 -21.08 23.62 21.52
C LEU B 406 -20.99 24.94 22.28
N MET B 407 -20.32 24.95 23.42
CA MET B 407 -20.14 26.20 24.15
C MET B 407 -19.45 27.24 23.30
N ASP B 408 -18.47 26.83 22.49
CA ASP B 408 -17.73 27.77 21.69
C ASP B 408 -18.51 28.21 20.46
N LEU B 409 -19.32 27.33 19.89
CA LEU B 409 -20.22 27.77 18.82
C LEU B 409 -21.19 28.81 19.34
N GLU B 410 -21.75 28.58 20.52
CA GLU B 410 -22.68 29.55 21.09
C GLU B 410 -21.97 30.85 21.40
N TYR B 411 -20.75 30.77 21.94
CA TYR B 411 -20.02 31.99 22.24
C TYR B 411 -19.63 32.73 20.98
N MET B 412 -19.32 32.00 19.91
CA MET B 412 -19.01 32.66 18.66
C MET B 412 -20.22 33.38 18.10
N ILE B 413 -21.40 32.75 18.16
CA ILE B 413 -22.61 33.43 17.74
C ILE B 413 -22.85 34.67 18.58
N CYS B 414 -22.77 34.53 19.90
CA CYS B 414 -22.93 35.68 20.79
C CYS B 414 -21.98 36.79 20.39
N PHE B 415 -20.68 36.52 20.43
CA PHE B 415 -19.65 37.49 20.11
C PHE B 415 -19.89 38.17 18.78
N TYR B 416 -20.03 37.40 17.70
CA TYR B 416 -20.18 38.01 16.39
C TYR B 416 -21.47 38.81 16.29
N SER B 417 -22.43 38.58 17.19
CA SER B 417 -23.66 39.35 17.11
C SER B 417 -23.59 40.61 17.96
N LEU B 418 -22.98 40.52 19.14
CA LEU B 418 -23.15 41.54 20.16
C LEU B 418 -21.86 42.20 20.63
N GLU B 419 -20.70 41.56 20.51
CA GLU B 419 -19.47 42.07 21.07
C GLU B 419 -18.48 42.49 20.00
N LEU B 420 -18.82 42.36 18.73
CA LEU B 420 -17.89 42.71 17.66
C LEU B 420 -18.18 44.11 17.12
N ILE B 438 -20.50 39.77 29.22
CA ILE B 438 -21.19 40.16 28.01
C ILE B 438 -21.61 38.92 27.25
N CYS B 439 -20.63 38.16 26.77
CA CYS B 439 -20.86 36.92 26.04
C CYS B 439 -20.31 35.69 26.74
N HIS B 440 -19.22 35.82 27.47
CA HIS B 440 -18.64 34.69 28.18
C HIS B 440 -19.31 34.42 29.52
N LYS B 441 -19.90 35.43 30.14
CA LYS B 441 -20.68 35.22 31.36
C LYS B 441 -22.00 34.55 31.00
N TYR B 442 -22.82 34.25 32.00
CA TYR B 442 -24.10 33.63 31.66
C TYR B 442 -24.96 34.60 30.89
N THR B 443 -25.09 34.39 29.58
CA THR B 443 -25.91 35.23 28.72
C THR B 443 -27.39 35.01 29.04
N TYR B 444 -27.76 35.41 30.25
CA TYR B 444 -29.07 35.19 30.85
C TYR B 444 -29.35 33.70 31.00
N GLY B 445 -28.33 32.86 31.01
CA GLY B 445 -28.51 31.44 31.15
C GLY B 445 -28.48 30.65 29.87
N VAL B 446 -28.22 31.29 28.74
CA VAL B 446 -28.17 30.59 27.46
C VAL B 446 -26.84 29.85 27.39
N ARG B 447 -25.92 30.22 28.26
CA ARG B 447 -24.64 29.53 28.33
C ARG B 447 -24.62 28.40 29.33
N ALA B 448 -25.65 28.26 30.16
CA ALA B 448 -25.74 27.11 31.05
C ALA B 448 -26.66 26.05 30.48
N ILE B 449 -27.49 26.41 29.50
CA ILE B 449 -28.33 25.43 28.83
C ILE B 449 -27.55 24.71 27.76
N VAL B 450 -26.84 25.45 26.90
CA VAL B 450 -26.09 24.84 25.83
C VAL B 450 -24.99 23.94 26.38
N GLN B 451 -24.73 24.01 27.67
CA GLN B 451 -23.85 23.03 28.27
C GLN B 451 -24.57 21.74 28.62
N CYS B 452 -25.83 21.81 28.99
CA CYS B 452 -26.58 20.62 29.35
C CYS B 452 -27.30 19.99 28.17
N ILE B 453 -27.23 20.60 26.99
CA ILE B 453 -27.80 19.94 25.80
C ILE B 453 -27.25 18.54 25.60
N PRO B 454 -25.95 18.29 25.59
CA PRO B 454 -25.48 16.93 25.35
C PRO B 454 -25.62 16.01 26.54
N ALA B 455 -26.11 16.49 27.68
CA ALA B 455 -26.58 15.56 28.70
C ALA B 455 -28.07 15.37 28.61
N TRP B 456 -28.78 16.37 28.10
CA TRP B 456 -30.21 16.19 27.84
C TRP B 456 -30.45 15.13 26.79
N LEU B 457 -29.64 15.14 25.72
CA LEU B 457 -29.78 14.11 24.69
C LEU B 457 -29.73 12.72 25.29
N ARG B 458 -28.71 12.45 26.11
CA ARG B 458 -28.57 11.11 26.64
C ARG B 458 -29.60 10.82 27.71
N PHE B 459 -29.97 11.80 28.52
CA PHE B 459 -31.04 11.59 29.48
C PHE B 459 -32.30 11.11 28.76
N ILE B 460 -32.69 11.78 27.70
CA ILE B 460 -33.92 11.39 27.02
C ILE B 460 -33.73 10.15 26.17
N GLN B 461 -32.53 9.86 25.68
CA GLN B 461 -32.32 8.61 24.96
C GLN B 461 -32.46 7.42 25.90
N CYS B 462 -31.90 7.52 27.10
CA CYS B 462 -32.09 6.46 28.06
C CYS B 462 -33.55 6.37 28.50
N LEU B 463 -34.26 7.49 28.59
CA LEU B 463 -35.68 7.40 28.90
C LEU B 463 -36.44 6.66 27.80
N ARG B 464 -36.13 6.93 26.53
CA ARG B 464 -36.83 6.20 25.49
C ARG B 464 -36.46 4.72 25.48
N ARG B 465 -35.20 4.39 25.74
CA ARG B 465 -34.82 2.99 25.82
C ARG B 465 -35.57 2.29 26.94
N TYR B 466 -35.80 2.99 28.05
CA TYR B 466 -36.61 2.41 29.12
C TYR B 466 -38.07 2.28 28.70
N ARG B 467 -38.57 3.22 27.92
CA ARG B 467 -39.95 3.11 27.47
C ARG B 467 -40.13 1.94 26.52
N ASP B 468 -39.09 1.64 25.74
CA ASP B 468 -39.19 0.54 24.79
C ASP B 468 -38.97 -0.81 25.46
N THR B 469 -37.78 -1.03 26.03
CA THR B 469 -37.49 -2.34 26.59
C THR B 469 -38.16 -2.56 27.93
N LYS B 470 -38.57 -1.49 28.59
CA LYS B 470 -39.22 -1.58 29.90
C LYS B 470 -38.35 -2.34 30.90
N ARG B 471 -37.04 -2.21 30.72
CA ARG B 471 -36.07 -2.76 31.64
C ARG B 471 -35.66 -1.62 32.55
N ALA B 472 -36.03 -1.72 33.82
CA ALA B 472 -35.89 -0.59 34.72
C ALA B 472 -34.43 -0.29 35.04
N PHE B 473 -33.68 -1.31 35.45
CA PHE B 473 -32.37 -1.06 36.06
C PHE B 473 -31.44 -0.29 35.13
N PRO B 474 -31.02 -0.85 33.99
CA PRO B 474 -29.93 -0.18 33.26
C PRO B 474 -30.31 1.21 32.81
N HIS B 475 -31.49 1.36 32.22
CA HIS B 475 -31.85 2.63 31.59
C HIS B 475 -32.24 3.68 32.63
N LEU B 476 -32.94 3.29 33.69
CA LEU B 476 -33.28 4.28 34.69
C LEU B 476 -32.04 4.75 35.45
N VAL B 477 -31.14 3.84 35.81
CA VAL B 477 -29.95 4.29 36.51
C VAL B 477 -29.04 5.07 35.55
N ASN B 478 -29.08 4.74 34.26
CA ASN B 478 -28.38 5.56 33.28
C ASN B 478 -28.90 6.99 33.26
N ALA B 479 -30.21 7.18 33.17
CA ALA B 479 -30.75 8.53 33.18
C ALA B 479 -30.47 9.24 34.49
N GLY B 480 -30.46 8.51 35.60
CA GLY B 480 -30.04 9.11 36.85
C GLY B 480 -28.59 9.51 36.87
N LYS B 481 -27.76 8.87 36.03
CA LYS B 481 -26.36 9.28 35.93
C LYS B 481 -26.22 10.60 35.19
N TYR B 482 -27.06 10.84 34.21
CA TYR B 482 -26.98 12.08 33.44
C TYR B 482 -27.78 13.22 34.03
N SER B 483 -28.71 12.96 34.94
CA SER B 483 -29.38 14.06 35.63
C SER B 483 -28.43 14.82 36.55
N THR B 484 -27.35 14.19 36.99
CA THR B 484 -26.44 14.89 37.89
C THR B 484 -25.72 16.02 37.17
N THR B 485 -25.53 15.93 35.86
CA THR B 485 -24.98 17.07 35.15
C THR B 485 -25.93 18.26 35.22
N PHE B 486 -27.22 18.03 35.02
CA PHE B 486 -28.20 19.10 35.19
C PHE B 486 -28.07 19.71 36.58
N PHE B 487 -28.08 18.88 37.60
CA PHE B 487 -28.09 19.43 38.95
C PHE B 487 -26.80 20.17 39.28
N MET B 488 -25.66 19.62 38.86
CA MET B 488 -24.38 20.26 39.13
C MET B 488 -24.27 21.60 38.43
N VAL B 489 -24.60 21.65 37.13
CA VAL B 489 -24.53 22.92 36.42
C VAL B 489 -25.47 23.93 37.03
N THR B 490 -26.69 23.52 37.36
CA THR B 490 -27.64 24.44 37.93
C THR B 490 -27.13 25.02 39.25
N PHE B 491 -26.59 24.17 40.12
CA PHE B 491 -26.17 24.70 41.40
C PHE B 491 -24.90 25.52 41.28
N ALA B 492 -24.01 25.20 40.35
CA ALA B 492 -22.87 26.07 40.12
C ALA B 492 -23.31 27.44 39.67
N ALA B 493 -24.20 27.50 38.68
CA ALA B 493 -24.67 28.78 38.19
C ALA B 493 -25.38 29.57 39.29
N LEU B 494 -26.20 28.90 40.09
CA LEU B 494 -26.93 29.61 41.12
C LEU B 494 -26.00 30.12 42.22
N TYR B 495 -25.08 29.28 42.69
CA TYR B 495 -24.13 29.73 43.69
C TYR B 495 -23.30 30.90 43.18
N SER B 496 -22.93 30.87 41.89
CA SER B 496 -22.20 31.99 41.31
C SER B 496 -23.03 33.27 41.33
N THR B 497 -24.22 33.21 40.73
CA THR B 497 -25.05 34.41 40.64
C THR B 497 -25.46 34.90 42.01
N HIS B 498 -25.33 34.06 43.04
CA HIS B 498 -25.64 34.50 44.38
C HIS B 498 -24.42 35.13 45.06
N LYS B 499 -23.24 34.56 44.83
CA LYS B 499 -22.05 35.12 45.47
C LYS B 499 -21.68 36.46 44.87
N GLU B 500 -21.76 36.60 43.55
CA GLU B 500 -21.40 37.87 42.93
C GLU B 500 -22.37 38.98 43.35
N ARG B 501 -23.63 38.63 43.59
CA ARG B 501 -24.57 39.60 44.13
C ARG B 501 -24.62 39.57 45.65
N GLY B 502 -23.74 38.80 46.29
CA GLY B 502 -23.58 38.88 47.74
C GLY B 502 -24.81 38.55 48.54
N HIS B 503 -25.54 37.49 48.18
CA HIS B 503 -26.66 37.06 49.00
C HIS B 503 -26.17 36.30 50.22
N SER B 504 -27.12 35.93 51.07
CA SER B 504 -26.77 35.21 52.30
C SER B 504 -26.68 33.71 52.06
N ASP B 505 -27.55 33.18 51.20
CA ASP B 505 -27.61 31.74 50.97
C ASP B 505 -26.51 31.24 50.03
N THR B 506 -25.50 32.06 49.76
CA THR B 506 -24.43 31.65 48.87
C THR B 506 -23.69 30.44 49.42
N MET B 507 -23.43 30.40 50.72
CA MET B 507 -22.73 29.25 51.29
C MET B 507 -23.58 27.99 51.22
N VAL B 508 -24.90 28.13 51.38
CA VAL B 508 -25.79 26.98 51.23
C VAL B 508 -25.73 26.45 49.81
N PHE B 509 -25.78 27.35 48.83
CA PHE B 509 -25.71 26.90 47.44
C PHE B 509 -24.35 26.27 47.14
N PHE B 510 -23.29 26.79 47.75
CA PHE B 510 -21.98 26.21 47.56
C PHE B 510 -21.91 24.79 48.13
N TYR B 511 -22.51 24.60 49.30
CA TYR B 511 -22.57 23.25 49.87
C TYR B 511 -23.32 22.31 48.95
N LEU B 512 -24.46 22.77 48.42
CA LEU B 512 -25.23 21.92 47.51
C LEU B 512 -24.42 21.59 46.26
N TRP B 513 -23.69 22.57 45.72
CA TRP B 513 -22.88 22.30 44.55
C TRP B 513 -21.77 21.31 44.87
N ILE B 514 -21.18 21.41 46.06
CA ILE B 514 -20.12 20.46 46.43
C ILE B 514 -20.69 19.05 46.50
N VAL B 515 -21.86 18.92 47.12
CA VAL B 515 -22.50 17.61 47.24
C VAL B 515 -22.74 17.03 45.84
N PHE B 516 -23.39 17.80 44.97
CA PHE B 516 -23.70 17.28 43.66
C PHE B 516 -22.48 17.11 42.78
N TYR B 517 -21.40 17.85 43.03
CA TYR B 517 -20.16 17.58 42.32
C TYR B 517 -19.62 16.21 42.69
N ILE B 518 -19.51 15.94 43.99
CA ILE B 518 -19.05 14.62 44.41
C ILE B 518 -19.94 13.55 43.83
N ILE B 519 -21.25 13.77 43.85
CA ILE B 519 -22.20 12.78 43.36
C ILE B 519 -21.99 12.52 41.89
N SER B 520 -21.97 13.56 41.06
CA SER B 520 -21.85 13.34 39.63
C SER B 520 -20.51 12.71 39.28
N SER B 521 -19.43 13.17 39.91
CA SER B 521 -18.12 12.62 39.61
C SER B 521 -18.06 11.13 39.94
N CYS B 522 -18.44 10.77 41.17
CA CYS B 522 -18.39 9.36 41.57
C CYS B 522 -19.37 8.52 40.77
N TYR B 523 -20.57 9.04 40.56
CA TYR B 523 -21.58 8.34 39.76
C TYR B 523 -21.02 7.98 38.40
N THR B 524 -20.51 8.97 37.66
CA THR B 524 -20.06 8.69 36.31
C THR B 524 -18.80 7.83 36.31
N LEU B 525 -17.95 7.99 37.31
CA LEU B 525 -16.73 7.17 37.36
C LEU B 525 -17.08 5.71 37.61
N ILE B 526 -17.91 5.46 38.63
CA ILE B 526 -18.34 4.10 38.93
C ILE B 526 -19.03 3.48 37.74
N TRP B 527 -19.93 4.23 37.10
CA TRP B 527 -20.63 3.68 35.95
C TRP B 527 -19.67 3.36 34.82
N ASP B 528 -18.76 4.29 34.51
CA ASP B 528 -17.73 4.01 33.52
C ASP B 528 -17.08 2.68 33.80
N LEU B 529 -16.41 2.58 34.96
CA LEU B 529 -15.60 1.41 35.26
C LEU B 529 -16.40 0.12 35.27
N LYS B 530 -17.61 0.14 35.85
CA LYS B 530 -18.35 -1.09 35.99
C LYS B 530 -19.16 -1.43 34.75
N MET B 531 -20.09 -0.57 34.35
CA MET B 531 -21.01 -0.94 33.29
C MET B 531 -20.51 -0.54 31.91
N ASP B 532 -19.73 0.53 31.79
CA ASP B 532 -19.32 0.94 30.46
C ASP B 532 -18.12 0.15 30.00
N TRP B 533 -17.24 -0.17 30.93
CA TRP B 533 -16.00 -0.87 30.64
C TRP B 533 -16.06 -2.34 30.99
N GLY B 534 -17.01 -2.74 31.83
CA GLY B 534 -17.09 -4.12 32.25
C GLY B 534 -16.04 -4.54 33.24
N LEU B 535 -15.07 -3.69 33.56
CA LEU B 535 -14.02 -4.07 34.46
C LEU B 535 -14.57 -4.25 35.86
N PHE B 536 -13.66 -4.49 36.81
CA PHE B 536 -14.03 -4.81 38.18
C PHE B 536 -15.03 -5.96 38.22
N ASP B 537 -14.93 -6.84 37.24
CA ASP B 537 -15.79 -8.02 37.18
C ASP B 537 -15.39 -8.98 38.30
N LYS B 538 -16.30 -9.88 38.64
CA LYS B 538 -16.03 -10.73 39.79
C LYS B 538 -15.62 -12.14 39.35
N ASN B 539 -15.73 -12.43 38.05
CA ASN B 539 -15.03 -13.58 37.48
C ASN B 539 -13.65 -13.18 36.96
N ALA B 540 -13.01 -12.23 37.64
CA ALA B 540 -11.69 -11.77 37.23
C ALA B 540 -10.68 -12.90 37.19
N GLY B 541 -10.39 -13.49 38.35
CA GLY B 541 -9.39 -14.53 38.41
C GLY B 541 -7.98 -14.01 38.23
N GLU B 542 -7.32 -14.43 37.15
CA GLU B 542 -5.93 -14.01 36.93
C GLU B 542 -5.84 -12.54 36.55
N ASN B 543 -6.74 -12.08 35.67
CA ASN B 543 -6.80 -10.67 35.31
C ASN B 543 -7.35 -9.89 36.48
N THR B 544 -6.51 -9.53 37.43
CA THR B 544 -6.99 -8.89 38.65
C THR B 544 -7.72 -7.60 38.32
N PHE B 545 -8.83 -7.37 38.99
CA PHE B 545 -9.63 -6.15 38.88
C PHE B 545 -10.20 -5.92 37.49
N LEU B 546 -10.14 -6.90 36.60
CA LEU B 546 -10.69 -6.75 35.27
C LEU B 546 -11.74 -7.82 35.06
N ARG B 547 -12.12 -8.03 33.80
CA ARG B 547 -13.00 -9.12 33.45
C ARG B 547 -12.17 -10.31 33.00
N GLU B 548 -12.84 -11.36 32.52
CA GLU B 548 -12.12 -12.54 32.07
C GLU B 548 -11.49 -12.32 30.70
N GLU B 549 -12.32 -12.10 29.69
CA GLU B 549 -11.81 -11.92 28.34
C GLU B 549 -11.27 -10.50 28.17
N ILE B 550 -9.98 -10.38 27.94
CA ILE B 550 -9.38 -9.12 27.56
C ILE B 550 -8.89 -9.24 26.14
N VAL B 551 -8.98 -8.16 25.38
CA VAL B 551 -8.71 -8.20 23.95
C VAL B 551 -7.44 -7.42 23.61
N TYR B 552 -7.09 -6.53 24.52
CA TYR B 552 -5.93 -5.65 24.26
C TYR B 552 -4.70 -6.39 24.75
N PRO B 553 -3.60 -6.31 24.00
CA PRO B 553 -2.50 -7.14 24.36
C PRO B 553 -1.87 -6.98 25.74
N GLN B 554 -1.60 -5.78 26.22
CA GLN B 554 -0.83 -5.74 27.49
C GLN B 554 -1.71 -5.30 28.64
N LYS B 555 -1.66 -6.06 29.71
CA LYS B 555 -2.60 -5.77 30.79
C LYS B 555 -2.31 -4.45 31.47
N ALA B 556 -1.20 -3.80 31.16
CA ALA B 556 -0.97 -2.49 31.75
C ALA B 556 -1.95 -1.46 31.23
N TYR B 557 -2.50 -1.66 30.03
CA TYR B 557 -3.42 -0.69 29.45
C TYR B 557 -4.62 -0.49 30.34
N TYR B 558 -5.18 -1.56 30.87
CA TYR B 558 -6.41 -1.45 31.63
C TYR B 558 -6.18 -0.75 32.96
N TYR B 559 -5.03 -0.95 33.58
CA TYR B 559 -4.73 -0.23 34.82
C TYR B 559 -4.41 1.23 34.55
N CYS B 560 -3.68 1.50 33.46
CA CYS B 560 -3.45 2.87 33.06
C CYS B 560 -4.76 3.59 32.84
N ALA B 561 -5.71 2.94 32.18
CA ALA B 561 -6.98 3.58 31.89
C ALA B 561 -7.84 3.71 33.13
N ILE B 562 -7.77 2.75 34.06
CA ILE B 562 -8.50 2.92 35.31
C ILE B 562 -8.01 4.15 36.04
N ILE B 563 -6.69 4.28 36.19
CA ILE B 563 -6.14 5.44 36.89
C ILE B 563 -6.49 6.72 36.14
N GLU B 564 -6.32 6.70 34.82
CA GLU B 564 -6.60 7.88 34.01
C GLU B 564 -8.04 8.32 34.14
N ASP B 565 -8.98 7.38 34.07
CA ASP B 565 -10.39 7.75 34.17
C ASP B 565 -10.70 8.28 35.55
N VAL B 566 -10.14 7.66 36.60
CA VAL B 566 -10.36 8.21 37.94
C VAL B 566 -9.90 9.66 38.01
N ILE B 567 -8.77 9.96 37.39
CA ILE B 567 -8.26 11.32 37.45
C ILE B 567 -9.11 12.26 36.62
N LEU B 568 -9.30 11.94 35.34
CA LEU B 568 -9.90 12.84 34.38
C LEU B 568 -11.42 12.83 34.42
N ARG B 569 -12.04 12.11 35.34
CA ARG B 569 -13.47 12.28 35.51
C ARG B 569 -13.82 13.30 36.56
N PHE B 570 -12.88 13.64 37.44
CA PHE B 570 -13.08 14.80 38.30
C PHE B 570 -12.72 16.07 37.56
N ALA B 571 -11.73 15.99 36.67
CA ALA B 571 -11.34 17.14 35.87
C ALA B 571 -12.50 17.61 35.00
N TRP B 572 -13.19 16.68 34.33
CA TRP B 572 -14.28 17.07 33.46
C TRP B 572 -15.37 17.79 34.21
N THR B 573 -15.79 17.26 35.34
CA THR B 573 -16.86 17.89 36.10
C THR B 573 -16.42 19.23 36.66
N ILE B 574 -15.18 19.35 37.13
CA ILE B 574 -14.73 20.65 37.61
C ILE B 574 -14.69 21.65 36.47
N GLN B 575 -14.35 21.20 35.27
CA GLN B 575 -14.31 22.12 34.14
C GLN B 575 -15.70 22.57 33.74
N ILE B 576 -16.67 21.65 33.75
CA ILE B 576 -18.04 22.03 33.46
C ILE B 576 -18.53 23.04 34.48
N SER B 577 -18.33 22.74 35.77
CA SER B 577 -18.82 23.62 36.82
C SER B 577 -18.17 25.00 36.72
N ILE B 578 -16.87 25.03 36.44
CA ILE B 578 -16.16 26.31 36.31
C ILE B 578 -16.68 27.09 35.12
N THR B 579 -16.88 26.42 33.99
CA THR B 579 -17.35 27.14 32.80
C THR B 579 -18.75 27.68 33.01
N SER B 580 -19.54 27.05 33.87
CA SER B 580 -20.83 27.62 34.24
C SER B 580 -20.65 28.96 34.93
N THR B 581 -19.92 28.97 36.06
CA THR B 581 -19.76 30.16 36.87
C THR B 581 -18.83 31.17 36.22
N THR B 582 -19.09 32.45 36.48
CA THR B 582 -18.20 33.51 36.06
C THR B 582 -17.31 33.99 37.20
N LEU B 583 -17.04 33.15 38.19
CA LEU B 583 -16.36 33.62 39.38
C LEU B 583 -14.86 33.65 39.19
N LEU B 584 -14.31 32.78 38.35
CA LEU B 584 -12.86 32.60 38.24
C LEU B 584 -12.37 32.90 36.83
N PRO B 585 -12.59 34.13 36.30
CA PRO B 585 -12.12 34.48 34.96
C PRO B 585 -10.59 34.54 34.94
N HIS B 586 -10.02 34.15 33.81
CA HIS B 586 -8.55 33.92 33.83
C HIS B 586 -8.43 32.79 34.87
N SER B 587 -8.06 31.58 34.45
CA SER B 587 -8.19 30.40 35.34
C SER B 587 -9.64 29.95 35.22
N GLY B 588 -10.37 30.54 34.29
CA GLY B 588 -11.75 30.11 33.98
C GLY B 588 -11.72 29.92 32.50
N ASP B 589 -10.59 30.26 31.90
CA ASP B 589 -10.37 29.99 30.49
C ASP B 589 -9.00 29.43 30.18
N ILE B 590 -8.05 29.45 31.10
CA ILE B 590 -6.90 28.58 30.96
C ILE B 590 -7.23 27.20 31.49
N ILE B 591 -8.29 27.10 32.30
CA ILE B 591 -8.76 25.79 32.72
C ILE B 591 -9.62 25.17 31.65
N ALA B 592 -10.64 25.88 31.18
CA ALA B 592 -11.46 25.34 30.12
C ALA B 592 -10.73 25.23 28.80
N THR B 593 -9.43 25.49 28.76
CA THR B 593 -8.63 25.31 27.56
C THR B 593 -7.52 24.32 27.75
N VAL B 594 -7.17 24.00 28.99
CA VAL B 594 -6.23 22.93 29.23
C VAL B 594 -6.93 21.67 29.72
N PHE B 595 -8.19 21.78 30.13
CA PHE B 595 -9.00 20.64 30.51
C PHE B 595 -9.90 20.18 29.38
N ALA B 596 -10.03 20.95 28.34
CA ALA B 596 -10.94 20.54 27.28
C ALA B 596 -10.27 19.55 26.35
N PRO B 597 -9.01 19.74 25.92
CA PRO B 597 -8.37 18.69 25.13
C PRO B 597 -7.87 17.51 25.95
N LEU B 598 -8.01 17.56 27.27
CA LEU B 598 -7.78 16.36 28.07
C LEU B 598 -9.01 15.50 28.11
N GLU B 599 -10.19 16.12 28.11
CA GLU B 599 -11.39 15.33 28.19
C GLU B 599 -11.82 14.75 26.86
N VAL B 600 -11.29 15.23 25.75
CA VAL B 600 -11.46 14.49 24.51
C VAL B 600 -10.50 13.33 24.49
N PHE B 601 -9.37 13.44 25.16
CA PHE B 601 -8.50 12.28 25.32
C PHE B 601 -9.15 11.22 26.18
N ARG B 602 -9.82 11.64 27.25
CA ARG B 602 -10.48 10.67 28.11
C ARG B 602 -11.59 9.94 27.36
N ARG B 603 -12.29 10.64 26.46
CA ARG B 603 -13.30 9.96 25.67
C ARG B 603 -12.66 9.05 24.63
N PHE B 604 -11.55 9.47 24.04
CA PHE B 604 -10.82 8.60 23.14
C PHE B 604 -10.43 7.30 23.81
N VAL B 605 -10.06 7.37 25.09
CA VAL B 605 -9.71 6.14 25.80
C VAL B 605 -10.94 5.34 26.16
N TRP B 606 -11.97 5.98 26.71
CA TRP B 606 -13.20 5.28 27.03
C TRP B 606 -13.76 4.55 25.82
N ASN B 607 -13.51 5.05 24.63
CA ASN B 607 -13.98 4.37 23.43
C ASN B 607 -13.44 2.96 23.34
N PHE B 608 -12.16 2.78 23.58
CA PHE B 608 -11.53 1.47 23.47
C PHE B 608 -12.29 0.44 24.28
N PHE B 609 -12.43 0.68 25.57
CA PHE B 609 -12.96 -0.36 26.43
C PHE B 609 -14.47 -0.41 26.42
N ARG B 610 -15.15 0.67 26.04
CA ARG B 610 -16.58 0.52 25.81
C ARG B 610 -16.85 -0.35 24.60
N LEU B 611 -16.17 -0.11 23.49
CA LEU B 611 -16.42 -0.96 22.33
C LEU B 611 -15.94 -2.38 22.57
N GLU B 612 -14.89 -2.55 23.36
CA GLU B 612 -14.49 -3.91 23.68
C GLU B 612 -15.56 -4.63 24.50
N ASN B 613 -16.11 -3.97 25.52
CA ASN B 613 -17.15 -4.61 26.29
C ASN B 613 -18.39 -4.86 25.45
N GLU B 614 -18.68 -3.99 24.49
CA GLU B 614 -19.82 -4.22 23.62
C GLU B 614 -19.58 -5.44 22.73
N HIS B 615 -18.36 -5.61 22.24
CA HIS B 615 -18.02 -6.77 21.44
C HIS B 615 -18.13 -8.05 22.26
N LEU B 616 -17.60 -8.01 23.48
CA LEU B 616 -17.50 -9.24 24.26
C LEU B 616 -18.80 -9.55 24.98
N ASN B 617 -19.15 -8.74 25.97
CA ASN B 617 -20.23 -9.09 26.88
C ASN B 617 -21.56 -8.47 26.49
N ASN B 618 -21.60 -7.72 25.40
CA ASN B 618 -22.82 -7.06 24.94
C ASN B 618 -23.53 -6.34 26.08
N CYS B 619 -22.84 -5.36 26.67
CA CYS B 619 -23.42 -4.63 27.80
C CYS B 619 -24.51 -3.67 27.35
N GLY B 620 -24.40 -3.19 26.12
CA GLY B 620 -25.39 -2.23 25.64
C GLY B 620 -26.70 -2.87 25.27
N GLU B 621 -26.66 -4.07 24.70
CA GLU B 621 -27.85 -4.80 24.27
C GLU B 621 -28.56 -4.14 23.12
N PHE B 622 -27.81 -3.70 22.11
CA PHE B 622 -28.43 -3.17 20.91
C PHE B 622 -28.57 -4.25 19.86
N ARG B 623 -27.86 -5.35 20.03
CA ARG B 623 -28.04 -6.55 19.23
C ARG B 623 -27.55 -7.76 20.01
C1 I8P C . -7.70 -38.54 -14.45
C2 I8P C . -8.06 -38.69 -15.92
C3 I8P C . -6.93 -39.18 -16.80
C4 I8P C . -5.56 -38.78 -16.26
C5 I8P C . -5.62 -37.50 -15.47
C6 I8P C . -6.46 -37.69 -14.21
O11 I8P C . -7.43 -39.88 -13.91
O12 I8P C . -9.09 -39.72 -16.01
O13 I8P C . -7.12 -38.62 -18.12
O14 I8P C . -4.57 -38.70 -17.33
O15 I8P C . -4.26 -37.21 -15.03
O16 I8P C . -6.88 -36.39 -13.69
O21 I8P C . -9.43 -40.19 -12.42
O22 I8P C . -11.23 -40.18 -14.87
O23 I8P C . -8.45 -40.66 -18.59
O24 I8P C . -5.22 -36.46 -18.38
O25 I8P C . -3.29 -35.64 -16.75
O26 I8P C . -5.19 -36.33 -11.82
O31 I8P C . -7.33 -41.60 -12.09
O32 I8P C . -10.87 -37.95 -15.93
O33 I8P C . -7.59 -39.29 -20.51
O34 I8P C . -2.97 -37.50 -18.82
O35 I8P C . -2.39 -35.69 -14.35
O36 I8P C . -7.61 -36.45 -11.29
O41 I8P C . -7.32 -39.13 -11.55
O42 I8P C . -11.18 -39.98 -17.37
O43 I8P C . -9.42 -38.39 -19.04
O44 I8P C . -5.01 -38.51 -19.81
O45 I8P C . -4.67 -34.78 -14.86
O46 I8P C . -6.66 -34.36 -12.24
O51 I8P C . -5.93 -40.37 -9.91
O55 I8P C . -5.51 -33.12 -16.49
O61 I8P C . -6.07 -37.88 -9.79
O65 I8P C . -3.32 -32.77 -15.32
O71 I8P C . -4.87 -38.98 -11.67
O75 I8P C . -5.47 -32.54 -14.06
PA1 I8P C . -7.94 -40.28 -12.46
PA2 I8P C . -10.67 -39.44 -16.05
PA3 I8P C . -8.19 -39.27 -19.12
PA4 I8P C . -4.45 -37.74 -18.64
PA5 I8P C . -3.54 -35.82 -15.30
PA6 I8P C . -6.56 -35.86 -12.20
PB1 I8P C . -5.97 -39.08 -10.68
PB5 I8P C . -4.76 -33.21 -15.20
C1 I8P D . 25.10 -9.57 2.55
C2 I8P D . 26.61 -9.64 2.52
C3 I8P D . 27.21 -8.44 1.81
C4 I8P D . 26.72 -8.37 0.37
C5 I8P D . 25.63 -9.40 0.12
C6 I8P D . 24.54 -9.27 1.17
O11 I8P D . 24.73 -8.47 3.43
O12 I8P D . 27.07 -9.62 3.91
O13 I8P D . 28.68 -8.55 1.77
O14 I8P D . 27.84 -8.67 -0.54
O15 I8P D . 25.05 -9.14 -1.20
O16 I8P D . 23.50 -10.26 0.91
O21 I8P D . 23.01 -9.70 4.81
O22 I8P D . 25.33 -10.57 5.49
O23 I8P D . 29.31 -8.26 4.19
O24 I8P D . 27.90 -11.13 0.17
O25 I8P D . 26.20 -11.07 -2.34
O26 I8P D . 22.45 -8.85 -0.87
O31 I8P D . 23.24 -7.18 4.99
O32 I8P D . 26.80 -12.07 4.10
O33 I8P D . 31.05 -8.72 2.44
O34 I8P D . 28.76 -10.41 -2.07
O35 I8P D . 26.80 -8.66 -2.96
O36 I8P D . 21.24 -10.89 -0.04
O41 I8P D . 22.31 -8.26 2.90
O42 I8P D . 27.78 -10.76 6.02
O43 I8P D . 29.45 -10.53 3.12
O44 I8P D . 30.00 -9.78 0.02
O45 I8P D . 24.56 -9.63 -3.58
O46 I8P D . 23.32 -11.15 -1.42
O51 I8P D . 20.00 -8.63 3.74
O55 I8P D . 23.89 -11.72 -4.74
O61 I8P D . 21.30 -10.50 2.71
O65 I8P D . 25.78 -10.32 -5.63
O71 I8P D . 20.47 -8.62 1.27
O75 I8P D . 23.42 -9.49 -5.81
PA1 I8P D . 23.30 -8.40 4.14
PA2 I8P D . 26.73 -10.81 4.93
PA3 I8P D . 29.66 -9.04 2.94
PA4 I8P D . 28.65 -10.06 -0.59
PA5 I8P D . 25.77 -9.66 -2.53
PA6 I8P D . 22.58 -10.29 -0.43
PB1 I8P D . 20.93 -9.04 2.64
PB5 I8P D . 24.39 -10.33 -5.02
C1 I8P E . -9.47 -40.40 -6.75
C2 I8P E . -9.44 -41.30 -5.51
C3 I8P E . -10.79 -41.53 -4.87
C4 I8P E . -11.69 -40.31 -5.01
C5 I8P E . -10.87 -39.05 -5.17
C6 I8P E . -10.14 -39.07 -6.49
O11 I8P E . -10.24 -41.07 -7.80
O12 I8P E . -8.96 -42.62 -5.94
O13 I8P E . -10.53 -41.77 -3.46
O14 I8P E . -12.68 -40.18 -3.91
O15 I8P E . -11.79 -37.91 -5.22
O16 I8P E . -9.13 -38.02 -6.50
O21 I8P E . -8.71 -40.06 -9.48
O22 I8P E . -7.24 -42.93 -7.70
O23 I8P E . -10.91 -44.23 -3.69
O24 I8P E . -11.26 -39.77 -1.81
O25 I8P E . -10.89 -37.44 -2.95
O26 I8P E . -10.60 -36.20 -7.44
O31 I8P E . -10.62 -41.58 -10.22
O32 I8P E . -6.62 -41.80 -5.55
O33 I8P E . -10.38 -43.24 -1.45
O34 I8P E . -12.73 -41.79 -1.93
O35 I8P E . -13.41 -37.37 -3.44
O36 I8P E . -8.94 -37.39 -8.90
O41 I8P E . -11.06 -39.25 -9.32
O42 I8P E . -7.10 -44.25 -5.58
O43 I8P E . -8.61 -43.35 -3.22
O44 I8P E . -13.77 -39.53 -1.73
O45 I8P E . -11.82 -35.58 -4.29
O46 I8P E . -8.14 -35.78 -7.16
O51 I8P E . -12.42 -38.56 -11.28
O55 I8P E . -9.63 -34.88 -3.36
O61 I8P E . -9.98 -38.01 -11.17
O65 I8P E . -11.74 -34.52 -2.07
O71 I8P E . -11.60 -36.83 -9.69
O75 I8P E . -11.28 -33.16 -4.12
PA1 I8P E . -10.10 -40.53 -9.31
PA2 I8P E . -7.40 -42.91 -6.20
PA3 I8P E . -10.08 -43.22 -2.93
PA4 I8P E . -12.59 -40.33 -2.28
PA5 I8P E . -12.01 -37.11 -3.87
PA6 I8P E . -9.21 -36.79 -7.55
PB1 I8P E . -11.28 -38.10 -10.43
PB5 I8P E . -11.07 -34.47 -3.42
C1 I8P F . -26.46 3.60 -4.15
C2 I8P F . -27.87 4.12 -4.00
C3 I8P F . -28.02 4.97 -2.76
C4 I8P F . -27.70 4.15 -1.52
C5 I8P F . -27.13 2.79 -1.90
C6 I8P F . -25.97 2.95 -2.87
O11 I8P F . -25.60 4.73 -4.44
O12 I8P F . -28.13 4.97 -5.17
O13 I8P F . -29.40 5.43 -2.63
O14 I8P F . -28.93 3.94 -0.75
O15 I8P F . -26.65 2.15 -0.68
O16 I8P F . -25.44 1.64 -3.21
O21 I8P F . -24.36 3.73 -6.41
O22 I8P F . -26.76 4.27 -7.17
O23 I8P F . -29.62 7.05 -4.55
O24 I8P F . -29.87 2.34 -2.52
O25 I8P F . -28.57 0.54 -0.47
O26 I8P F . -24.11 1.50 -1.08
O31 I8P F . -23.55 5.90 -5.34
O32 I8P F . -28.82 3.02 -6.52
O33 I8P F . -31.58 6.55 -3.07
O34 I8P F . -30.63 2.19 -0.14
O35 I8P F . -28.24 2.38 1.26
O36 I8P F . -23.72 -0.18 -2.89
O41 I8P F . -23.36 3.70 -4.11
O42 I8P F . -29.01 5.35 -7.48
O43 I8P F . -30.76 4.81 -4.67
O44 I8P F . -31.29 4.17 -1.54
O45 I8P F . -26.64 0.45 1.14
O46 I8P F . -25.87 -0.23 -1.59
O51 I8P F . -21.30 2.90 -5.26
O55 I8P F . -26.97 -2.02 1.09
O61 I8P F . -23.33 1.43 -5.11
O65 I8P F . -28.25 -0.58 2.72
O71 I8P F . -21.99 1.92 -3.04
O75 I8P F . -25.78 -0.94 3.04
PA1 I8P F . -24.19 4.56 -5.18
PA2 I8P F . -28.17 4.38 -6.66
PA3 I8P F . -30.38 5.99 -3.80
PA4 I8P F . -30.23 3.12 -1.28
PA5 I8P F . -27.64 1.39 0.32
PA6 I8P F . -24.75 0.64 -2.14
PB1 I8P F . -22.44 2.41 -4.39
PB5 I8P F . -26.92 -0.85 2.05
#